data_7R0C
#
_entry.id   7R0C
#
_cell.length_a   1.00
_cell.length_b   1.00
_cell.length_c   1.00
_cell.angle_alpha   90.00
_cell.angle_beta   90.00
_cell.angle_gamma   90.00
#
_symmetry.space_group_name_H-M   'P 1'
#
loop_
_entity.id
_entity.type
_entity.pdbx_description
1 polymer 'Vasopressin V2 receptor'
2 polymer AVP
3 polymer Arrestin2
4 polymer ScFv30
#
loop_
_entity_poly.entity_id
_entity_poly.type
_entity_poly.pdbx_seq_one_letter_code
_entity_poly.pdbx_strand_id
1 'polypeptide(L)'
;GPDYKDDDDAASTTSAVPGHPSLPSLPSQSSQERPLDTRDPLLARAELALLSIVFVAVALSNGLVLAALARRGRRGHWAP
IHVFIGHLCLADLAVALFQVLPQLAWKATDRFRGPDALCRAVKYLQMVGMYASSYMILAMTLDRHRAICRPMLAYRHGSG
AHWNRPVLVAWAFSLLLSLPQLFIFAQRNVEGGSGVTDCWACFAEPWGRRTYVTWIALMVFVAPTLGIAACQVLIFREIH
ASLVPGPSERPGGRRRGRRTGSPGEGAHVSAAVAKTVRMTLVIVVVYVLCWAPFFLVQLWAAWDPEAPLEGAPFVLLMLL
ASLNSCTNPWIYASFSSSVSSELRSLLCCARGRTPPSLGPQDE(SEP)C(TPO)(TPO)A(SEP)(SEP)(SEP)LAKDT
SS
;
A
2 'polypeptide(L)' CYFQNCPRG(NH2) B
3 'polypeptide(L)'
;MGASWSHPQFEKGGGSGGGSGGSSAWSHPQFEKLEVLFQGPASGDKGTRVFKKASPNGKLTVYLGKRDFVDHIDLVDPVD
GVVLVDPEYLKERRVYVTLTCAFRYGREDLDVLGLTFRKDLFVANVQSFPPAPEDKKPLTRLQERLIKKLGEHAYPFTFE
IPPNLPCSVTLQPGPEDTGKACGVDYEVKAFCAENLEEKIHKRNSVRLVIRKVQYAPERPGPQPTAETTRQFLMSDKPLH
LEASLDKEIYYHGEPISVNVHVTNNTNKTVKKIKISVRQYADICLFNTAQYKCPVAMEEADDTVAPSSTFCKVYTLTPFL
ANNREKRGLALDGKLKHEDTNLASSTLLREGANREILGIIVSYKVKVKLVVSRGGLLGDLASSDVAVELPFTLMHPKPKE
EPPHREVPENETPVDTNLIELDTN
;
C
4 'polypeptide(L)'
;AMGDIQMTQSPSSLSASVGDRVTITCRASQSVSSAVAWYQQKPGKAPKLLIYSASSLYSGVPSRFSGSRSGTDFTLTISS
LQPEDFATYYCQQYKYVPVTFGCGTKVEIKGTTAASGSSGGSSSGAEVQLVESGGGLVQPGGSLRLSCAASGFNVYSSSI
HWVRQAPGKCLEWVASISSYYGYTYYADSVKGRFTISADTSKNTAYLQMNSLRAEDTAVYYCARSRQFWYSGLDYWGQGT
LVTVSSAAADDDDKAGWSHPQFEKGGGSGGGSGGGSWSHPQFEK
;
D
#
# COMPACT_ATOMS: atom_id res chain seq x y z
N ARG A 39 -12.97 49.82 -35.43
CA ARG A 39 -14.25 50.17 -36.04
C ARG A 39 -14.32 49.66 -37.49
N ASP A 40 -13.26 49.00 -37.93
CA ASP A 40 -13.21 48.46 -39.29
C ASP A 40 -14.18 47.30 -39.42
N PRO A 41 -15.14 47.38 -40.34
CA PRO A 41 -16.15 46.31 -40.44
C PRO A 41 -15.59 44.97 -40.88
N LEU A 42 -14.82 44.94 -41.98
CA LEU A 42 -14.25 43.68 -42.43
C LEU A 42 -13.27 43.12 -41.41
N LEU A 43 -12.48 44.00 -40.77
CA LEU A 43 -11.59 43.55 -39.70
C LEU A 43 -12.39 42.98 -38.54
N ALA A 44 -13.50 43.61 -38.18
CA ALA A 44 -14.34 43.08 -37.11
C ALA A 44 -14.88 41.71 -37.46
N ARG A 45 -15.37 41.54 -38.69
CA ARG A 45 -15.87 40.23 -39.10
C ARG A 45 -14.77 39.18 -39.07
N ALA A 46 -13.58 39.52 -39.59
CA ALA A 46 -12.49 38.57 -39.62
C ALA A 46 -12.04 38.18 -38.22
N GLU A 47 -11.95 39.16 -37.31
CA GLU A 47 -11.51 38.86 -35.95
C GLU A 47 -12.55 38.05 -35.20
N LEU A 48 -13.84 38.33 -35.41
CA LEU A 48 -14.88 37.49 -34.82
C LEU A 48 -14.78 36.06 -35.32
N ALA A 49 -14.56 35.89 -36.63
CA ALA A 49 -14.40 34.55 -37.18
C ALA A 49 -13.20 33.84 -36.57
N LEU A 50 -12.07 34.52 -36.48
CA LEU A 50 -10.87 33.92 -35.92
C LEU A 50 -11.07 33.52 -34.46
N LEU A 51 -11.67 34.41 -33.67
CA LEU A 51 -11.89 34.12 -32.25
C LEU A 51 -12.83 32.95 -32.07
N SER A 52 -13.93 32.92 -32.83
CA SER A 52 -14.85 31.79 -32.73
C SER A 52 -14.18 30.49 -33.13
N ILE A 53 -13.37 30.52 -34.19
CA ILE A 53 -12.73 29.30 -34.68
C ILE A 53 -11.74 28.78 -33.65
N VAL A 54 -10.91 29.67 -33.08
CA VAL A 54 -9.94 29.20 -32.10
C VAL A 54 -10.65 28.73 -30.83
N PHE A 55 -11.76 29.40 -30.47
CA PHE A 55 -12.53 28.97 -29.31
C PHE A 55 -13.07 27.56 -29.50
N VAL A 56 -13.67 27.29 -30.65
CA VAL A 56 -14.26 25.96 -30.87
C VAL A 56 -13.14 24.92 -31.00
N ALA A 57 -12.01 25.30 -31.58
CA ALA A 57 -10.89 24.35 -31.70
C ALA A 57 -10.35 23.95 -30.34
N VAL A 58 -10.05 24.93 -29.49
CA VAL A 58 -9.56 24.62 -28.15
C VAL A 58 -10.63 23.89 -27.35
N ALA A 59 -11.90 24.25 -27.56
CA ALA A 59 -12.99 23.58 -26.87
C ALA A 59 -13.02 22.10 -27.23
N LEU A 60 -13.01 21.78 -28.53
CA LEU A 60 -13.08 20.38 -28.93
C LEU A 60 -11.86 19.60 -28.46
N SER A 61 -10.66 20.17 -28.61
CA SER A 61 -9.46 19.47 -28.21
C SER A 61 -9.47 19.18 -26.72
N ASN A 62 -9.69 20.22 -25.91
CA ASN A 62 -9.66 20.05 -24.47
C ASN A 62 -10.79 19.15 -24.00
N GLY A 63 -11.97 19.28 -24.59
CA GLY A 63 -13.08 18.44 -24.19
C GLY A 63 -12.81 16.97 -24.43
N LEU A 64 -12.30 16.62 -25.61
CA LEU A 64 -12.02 15.22 -25.88
C LEU A 64 -10.89 14.71 -24.98
N VAL A 65 -9.87 15.54 -24.75
CA VAL A 65 -8.77 15.10 -23.89
C VAL A 65 -9.26 14.87 -22.47
N LEU A 66 -10.08 15.78 -21.94
CA LEU A 66 -10.56 15.63 -20.57
C LEU A 66 -11.56 14.48 -20.46
N ALA A 67 -12.33 14.22 -21.52
CA ALA A 67 -13.21 13.06 -21.51
C ALA A 67 -12.42 11.76 -21.46
N ALA A 68 -11.35 11.68 -22.25
CA ALA A 68 -10.48 10.50 -22.20
C ALA A 68 -9.86 10.35 -20.81
N LEU A 69 -9.41 11.46 -20.22
CA LEU A 69 -8.83 11.41 -18.88
C LEU A 69 -9.85 10.94 -17.85
N ALA A 70 -11.07 11.46 -17.93
CA ALA A 70 -12.11 11.08 -16.98
C ALA A 70 -12.46 9.60 -17.11
N ARG A 71 -12.57 9.11 -18.35
CA ARG A 71 -12.92 7.70 -18.53
C ARG A 71 -11.79 6.79 -18.09
N ARG A 72 -10.53 7.21 -18.30
CA ARG A 72 -9.41 6.44 -17.78
C ARG A 72 -9.40 6.41 -16.26
N GLY A 73 -9.66 7.57 -15.63
CA GLY A 73 -9.65 7.63 -14.18
C GLY A 73 -10.77 6.84 -13.54
N ARG A 74 -11.96 6.89 -14.14
CA ARG A 74 -13.07 6.06 -13.70
C ARG A 74 -12.79 4.57 -13.93
N ARG A 75 -12.20 4.21 -15.07
CA ARG A 75 -11.94 2.83 -15.42
C ARG A 75 -10.60 2.33 -14.90
N GLY A 76 -9.86 3.16 -14.18
CA GLY A 76 -8.57 2.78 -13.64
C GLY A 76 -8.12 3.69 -12.52
N HIS A 77 -6.85 4.12 -12.61
CA HIS A 77 -6.23 4.91 -11.52
C HIS A 77 -6.32 6.40 -11.72
N TRP A 78 -6.44 7.15 -10.62
CA TRP A 78 -6.41 8.63 -10.68
C TRP A 78 -4.92 8.96 -10.68
N ALA A 79 -4.18 8.52 -11.71
CA ALA A 79 -2.71 8.71 -11.68
C ALA A 79 -2.42 10.18 -11.46
N PRO A 80 -1.54 10.54 -10.51
CA PRO A 80 -1.19 11.92 -10.23
C PRO A 80 -0.47 12.46 -11.47
N ILE A 81 0.09 11.55 -12.24
CA ILE A 81 0.78 11.96 -13.48
C ILE A 81 -0.30 12.73 -14.19
N HIS A 82 -1.49 12.13 -14.20
CA HIS A 82 -2.64 12.75 -14.90
C HIS A 82 -3.37 13.76 -14.00
N VAL A 83 -3.08 13.80 -12.71
CA VAL A 83 -3.90 14.69 -11.83
C VAL A 83 -3.70 16.06 -12.41
N PHE A 84 -2.48 16.28 -12.85
CA PHE A 84 -2.20 17.60 -13.39
C PHE A 84 -2.76 17.71 -14.80
N ILE A 85 -2.53 16.72 -15.68
CA ILE A 85 -3.01 16.98 -17.03
C ILE A 85 -4.51 17.22 -17.02
N GLY A 86 -5.24 16.56 -16.12
CA GLY A 86 -6.65 16.88 -15.96
C GLY A 86 -6.87 18.29 -15.43
N HIS A 87 -6.03 18.73 -14.51
CA HIS A 87 -6.13 20.10 -14.05
C HIS A 87 -5.82 21.08 -15.18
N LEU A 88 -4.84 20.73 -16.02
CA LEU A 88 -4.57 21.53 -17.21
C LEU A 88 -5.80 21.62 -18.08
N CYS A 89 -6.45 20.48 -18.30
CA CYS A 89 -7.66 20.46 -19.11
C CYS A 89 -8.72 21.39 -18.53
N LEU A 90 -9.01 21.26 -17.23
CA LEU A 90 -10.06 22.07 -16.63
C LEU A 90 -9.69 23.55 -16.64
N ALA A 91 -8.45 23.86 -16.28
CA ALA A 91 -8.03 25.25 -16.23
C ALA A 91 -8.08 25.88 -17.62
N ASP A 92 -7.68 25.13 -18.64
CA ASP A 92 -7.63 25.70 -19.99
C ASP A 92 -9.02 25.82 -20.60
N LEU A 93 -9.91 24.88 -20.30
CA LEU A 93 -11.27 25.02 -20.78
C LEU A 93 -11.96 26.18 -20.08
N ALA A 94 -11.64 26.39 -18.79
CA ALA A 94 -12.08 27.58 -18.09
C ALA A 94 -11.50 28.83 -18.74
N VAL A 95 -10.25 28.76 -19.19
CA VAL A 95 -9.65 29.87 -19.93
C VAL A 95 -10.50 30.21 -21.14
N ALA A 96 -10.82 29.20 -21.94
CA ALA A 96 -11.63 29.41 -23.13
C ALA A 96 -12.97 30.06 -22.76
N LEU A 97 -13.68 29.45 -21.82
CA LEU A 97 -15.03 29.88 -21.50
C LEU A 97 -15.05 31.29 -20.90
N PHE A 98 -14.15 31.56 -19.97
CA PHE A 98 -14.12 32.83 -19.26
C PHE A 98 -13.43 33.94 -20.03
N GLN A 99 -12.69 33.62 -21.10
CA GLN A 99 -12.02 34.67 -21.84
C GLN A 99 -12.65 34.93 -23.20
N VAL A 100 -12.82 33.92 -24.04
CA VAL A 100 -13.25 34.18 -25.40
C VAL A 100 -14.61 34.86 -25.43
N LEU A 101 -15.55 34.41 -24.59
CA LEU A 101 -16.89 35.00 -24.59
C LEU A 101 -16.91 36.49 -24.25
N PRO A 102 -16.18 36.99 -23.24
CA PRO A 102 -16.22 38.44 -22.97
C PRO A 102 -15.81 39.32 -24.15
N GLN A 103 -14.57 39.21 -24.65
CA GLN A 103 -14.21 40.07 -25.78
C GLN A 103 -15.01 39.70 -27.01
N LEU A 104 -15.59 38.50 -27.05
CA LEU A 104 -16.61 38.23 -28.05
C LEU A 104 -17.76 39.23 -27.91
N ALA A 105 -18.23 39.42 -26.67
CA ALA A 105 -19.33 40.35 -26.42
C ALA A 105 -18.96 41.77 -26.81
N TRP A 106 -17.77 42.23 -26.42
CA TRP A 106 -17.36 43.57 -26.84
C TRP A 106 -17.21 43.68 -28.35
N LYS A 107 -16.33 42.85 -28.95
CA LYS A 107 -16.04 43.01 -30.37
C LYS A 107 -17.24 42.73 -31.25
N ALA A 108 -18.30 42.11 -30.72
CA ALA A 108 -19.54 41.99 -31.49
C ALA A 108 -20.42 43.21 -31.27
N THR A 109 -20.73 43.52 -30.00
CA THR A 109 -21.60 44.66 -29.72
C THR A 109 -20.89 45.99 -29.94
N ASP A 110 -19.56 45.96 -30.01
CA ASP A 110 -18.69 47.11 -30.26
C ASP A 110 -18.81 48.15 -29.16
N ARG A 111 -19.36 47.80 -28.00
CA ARG A 111 -19.54 48.75 -26.91
C ARG A 111 -19.76 47.96 -25.62
N PHE A 112 -20.16 48.69 -24.57
CA PHE A 112 -20.43 48.13 -23.26
C PHE A 112 -21.81 48.53 -22.78
N ARG A 113 -22.54 47.59 -22.20
CA ARG A 113 -23.89 47.83 -21.70
C ARG A 113 -24.17 47.18 -20.35
N GLY A 114 -23.26 47.32 -19.38
CA GLY A 114 -23.45 46.69 -18.10
C GLY A 114 -23.08 47.59 -16.93
N PRO A 115 -23.07 47.01 -15.74
CA PRO A 115 -22.68 47.76 -14.55
C PRO A 115 -21.17 47.99 -14.50
N ASP A 116 -20.73 48.56 -13.37
CA ASP A 116 -19.31 48.91 -13.23
C ASP A 116 -18.51 47.76 -12.62
N ALA A 117 -19.08 47.05 -11.64
CA ALA A 117 -18.36 45.96 -10.99
C ALA A 117 -18.12 44.81 -11.95
N LEU A 118 -18.89 44.77 -13.05
CA LEU A 118 -18.63 43.78 -14.09
C LEU A 118 -17.25 43.96 -14.69
N CYS A 119 -16.74 45.20 -14.69
CA CYS A 119 -15.36 45.43 -15.10
C CYS A 119 -14.41 44.59 -14.26
N ARG A 120 -14.48 44.75 -12.93
CA ARG A 120 -13.62 43.99 -12.03
C ARG A 120 -13.80 42.50 -12.23
N ALA A 121 -15.05 42.04 -12.26
CA ALA A 121 -15.31 40.61 -12.35
C ALA A 121 -14.72 40.03 -13.64
N VAL A 122 -14.99 40.67 -14.78
CA VAL A 122 -14.56 40.13 -16.06
C VAL A 122 -13.04 40.14 -16.16
N LYS A 123 -12.40 41.24 -15.76
CA LYS A 123 -10.94 41.28 -15.86
C LYS A 123 -10.30 40.23 -14.97
N TYR A 124 -10.84 40.03 -13.77
CA TYR A 124 -10.33 38.98 -12.89
C TYR A 124 -10.47 37.61 -13.54
N LEU A 125 -11.68 37.25 -13.97
CA LEU A 125 -11.93 35.93 -14.54
C LEU A 125 -11.25 35.75 -15.88
N GLN A 126 -10.75 36.82 -16.48
CA GLN A 126 -9.93 36.73 -17.68
C GLN A 126 -8.46 36.50 -17.40
N MET A 127 -7.82 37.36 -16.61
CA MET A 127 -6.38 37.19 -16.37
C MET A 127 -6.08 35.97 -15.52
N VAL A 128 -7.07 35.46 -14.78
CA VAL A 128 -6.81 34.34 -13.88
C VAL A 128 -6.36 33.12 -14.66
N GLY A 129 -7.02 32.83 -15.79
CA GLY A 129 -6.63 31.67 -16.57
C GLY A 129 -5.24 31.78 -17.14
N MET A 130 -4.94 32.93 -17.74
CA MET A 130 -3.59 33.19 -18.24
C MET A 130 -2.53 32.93 -17.19
N TYR A 131 -2.71 33.48 -15.99
CA TYR A 131 -1.66 33.33 -14.99
C TYR A 131 -1.62 31.91 -14.43
N ALA A 132 -2.79 31.36 -14.11
CA ALA A 132 -2.84 30.06 -13.44
C ALA A 132 -2.35 28.95 -14.34
N SER A 133 -2.60 29.04 -15.65
CA SER A 133 -2.09 28.00 -16.55
C SER A 133 -0.57 27.92 -16.48
N SER A 134 0.09 29.08 -16.56
CA SER A 134 1.54 29.12 -16.47
C SER A 134 2.01 28.56 -15.14
N TYR A 135 1.38 28.98 -14.03
CA TYR A 135 1.86 28.50 -12.75
C TYR A 135 1.65 27.00 -12.58
N MET A 136 0.56 26.45 -13.11
CA MET A 136 0.34 25.03 -12.92
C MET A 136 1.26 24.21 -13.80
N ILE A 137 1.60 24.74 -14.98
CA ILE A 137 2.69 24.13 -15.74
C ILE A 137 3.96 24.11 -14.90
N LEU A 138 4.26 25.23 -14.25
CA LEU A 138 5.40 25.27 -13.34
C LEU A 138 5.31 24.15 -12.31
N ALA A 139 4.14 24.00 -11.70
CA ALA A 139 3.97 23.05 -10.62
C ALA A 139 4.15 21.61 -11.11
N MET A 140 3.57 21.29 -12.27
CA MET A 140 3.69 19.93 -12.77
C MET A 140 5.12 19.62 -13.18
N THR A 141 5.80 20.60 -13.78
CA THR A 141 7.22 20.42 -14.06
C THR A 141 8.00 20.15 -12.79
N LEU A 142 7.71 20.91 -11.72
CA LEU A 142 8.42 20.70 -10.47
C LEU A 142 8.13 19.32 -9.89
N ASP A 143 6.87 18.89 -9.96
CA ASP A 143 6.50 17.60 -9.40
C ASP A 143 7.20 16.47 -10.14
N ARG A 144 7.20 16.54 -11.47
CA ARG A 144 7.93 15.55 -12.27
C ARG A 144 9.43 15.61 -11.97
N HIS A 145 9.96 16.83 -11.83
CA HIS A 145 11.38 17.01 -11.53
C HIS A 145 11.76 16.28 -10.25
N ARG A 146 10.98 16.47 -9.20
CA ARG A 146 11.24 15.70 -7.99
C ARG A 146 11.03 14.21 -8.22
N ALA A 147 10.01 13.84 -8.98
CA ALA A 147 9.64 12.44 -9.17
C ALA A 147 10.49 11.75 -10.23
N ILE A 148 11.57 12.36 -10.71
CA ILE A 148 12.45 11.67 -11.63
C ILE A 148 13.04 10.42 -10.97
N CYS A 149 13.34 10.52 -9.68
CA CYS A 149 13.86 9.41 -8.91
C CYS A 149 13.23 9.33 -7.52
N ARG A 150 12.15 10.06 -7.29
CA ARG A 150 11.54 10.10 -5.97
C ARG A 150 10.91 8.76 -5.63
N PRO A 151 11.24 8.17 -4.48
CA PRO A 151 10.51 6.98 -4.03
C PRO A 151 9.10 7.36 -3.55
N MET A 152 8.42 6.37 -2.97
CA MET A 152 7.00 6.51 -2.68
C MET A 152 6.73 7.65 -1.71
N LEU A 153 5.71 8.45 -2.04
CA LEU A 153 5.33 9.59 -1.22
C LEU A 153 3.81 9.69 -1.20
N ALA A 154 3.20 9.15 -0.17
CA ALA A 154 1.75 9.17 -0.02
C ALA A 154 1.28 10.46 0.63
N ASN A 164 -1.84 16.68 -5.29
CA ASN A 164 -2.99 17.50 -4.94
C ASN A 164 -2.55 18.75 -4.19
N ARG A 165 -1.39 18.69 -3.56
CA ARG A 165 -0.83 19.89 -2.95
C ARG A 165 -0.32 20.89 -3.99
N PRO A 166 0.61 20.53 -4.90
CA PRO A 166 1.19 21.57 -5.78
C PRO A 166 0.17 22.20 -6.71
N VAL A 167 -0.91 21.50 -7.07
CA VAL A 167 -1.98 22.15 -7.81
C VAL A 167 -2.60 23.25 -6.94
N LEU A 168 -2.77 22.98 -5.65
CA LEU A 168 -3.23 24.02 -4.73
C LEU A 168 -2.23 25.16 -4.66
N VAL A 169 -0.93 24.84 -4.66
CA VAL A 169 0.10 25.86 -4.64
C VAL A 169 -0.05 26.78 -5.84
N ALA A 170 -0.19 26.20 -7.03
CA ALA A 170 -0.33 26.99 -8.24
C ALA A 170 -1.59 27.85 -8.20
N TRP A 171 -2.71 27.25 -7.82
CA TRP A 171 -3.97 27.99 -7.80
C TRP A 171 -3.91 29.15 -6.82
N ALA A 172 -3.37 28.90 -5.61
CA ALA A 172 -3.28 29.94 -4.61
C ALA A 172 -2.31 31.04 -5.05
N PHE A 173 -1.18 30.67 -5.64
CA PHE A 173 -0.23 31.67 -6.10
C PHE A 173 -0.85 32.53 -7.19
N SER A 174 -1.67 31.92 -8.05
CA SER A 174 -2.38 32.67 -9.07
C SER A 174 -3.34 33.67 -8.45
N LEU A 175 -4.21 33.19 -7.56
CA LEU A 175 -5.20 34.08 -6.98
C LEU A 175 -4.53 35.18 -6.16
N LEU A 176 -3.35 34.90 -5.61
CA LEU A 176 -2.62 35.91 -4.86
C LEU A 176 -2.02 36.96 -5.78
N LEU A 177 -1.41 36.53 -6.88
CA LEU A 177 -0.86 37.51 -7.83
C LEU A 177 -1.96 38.23 -8.58
N SER A 178 -3.20 37.78 -8.42
CA SER A 178 -4.34 38.49 -9.00
C SER A 178 -4.67 39.79 -8.26
N LEU A 179 -3.81 40.26 -7.36
CA LEU A 179 -4.11 41.45 -6.57
C LEU A 179 -4.00 42.77 -7.33
N PRO A 180 -2.85 43.14 -7.91
CA PRO A 180 -2.67 44.54 -8.33
C PRO A 180 -3.65 45.02 -9.39
N GLN A 181 -4.35 44.09 -10.07
CA GLN A 181 -5.31 44.49 -11.09
C GLN A 181 -6.48 45.26 -10.46
N LEU A 182 -6.66 45.11 -9.14
CA LEU A 182 -7.65 45.91 -8.42
C LEU A 182 -7.38 47.39 -8.58
N PHE A 183 -6.16 47.82 -8.27
CA PHE A 183 -5.83 49.24 -8.31
C PHE A 183 -5.22 49.63 -9.65
N ILE A 184 -5.12 48.67 -10.57
CA ILE A 184 -4.52 48.97 -11.88
C ILE A 184 -5.53 49.59 -12.82
N PHE A 185 -6.58 48.86 -13.18
CA PHE A 185 -7.57 49.31 -14.16
C PHE A 185 -8.32 50.51 -13.61
N ALA A 186 -8.52 51.51 -14.46
CA ALA A 186 -9.17 52.76 -14.08
C ALA A 186 -10.61 52.75 -14.56
N GLN A 187 -11.27 53.90 -14.40
CA GLN A 187 -12.70 54.00 -14.71
C GLN A 187 -12.92 54.32 -16.18
N ARG A 188 -14.19 54.35 -16.57
CA ARG A 188 -14.55 54.64 -17.96
C ARG A 188 -14.56 56.13 -18.21
N ASN A 189 -14.41 56.51 -19.48
CA ASN A 189 -14.47 57.91 -19.88
C ASN A 189 -14.77 58.05 -21.37
N VAL A 196 -17.48 55.83 -21.02
CA VAL A 196 -18.58 55.24 -21.76
C VAL A 196 -18.47 53.72 -21.69
N THR A 197 -17.66 53.15 -22.59
CA THR A 197 -17.37 51.73 -22.55
C THR A 197 -16.57 51.41 -21.28
N ASP A 198 -16.76 50.20 -20.76
CA ASP A 198 -16.31 49.84 -19.42
C ASP A 198 -14.80 49.93 -19.33
N CYS A 199 -14.31 50.80 -18.44
CA CYS A 199 -12.89 50.89 -18.08
C CYS A 199 -11.99 51.12 -19.30
N TRP A 200 -12.41 52.00 -20.20
CA TRP A 200 -11.51 52.44 -21.26
C TRP A 200 -10.60 53.54 -20.75
N ALA A 201 -9.48 53.74 -21.46
CA ALA A 201 -8.44 54.68 -21.07
C ALA A 201 -7.99 54.41 -19.64
N CYS A 202 -7.95 53.13 -19.29
CA CYS A 202 -7.63 52.67 -17.96
C CYS A 202 -6.11 52.58 -17.80
N PHE A 203 -5.59 53.19 -16.74
CA PHE A 203 -4.16 53.15 -16.47
C PHE A 203 -3.95 53.05 -14.96
N ALA A 204 -3.02 52.19 -14.57
CA ALA A 204 -2.61 52.10 -13.18
C ALA A 204 -1.97 53.37 -12.67
N GLU A 205 -1.09 53.97 -13.47
CA GLU A 205 -0.34 55.16 -13.08
C GLU A 205 0.39 55.66 -14.30
N PRO A 206 1.03 56.85 -14.21
CA PRO A 206 1.96 57.23 -15.27
C PRO A 206 3.06 56.20 -15.47
N TRP A 207 3.47 55.51 -14.42
CA TRP A 207 4.35 54.35 -14.52
C TRP A 207 3.57 53.05 -14.65
N GLY A 208 2.24 53.10 -14.58
CA GLY A 208 1.45 51.89 -14.72
C GLY A 208 1.58 51.26 -16.10
N ARG A 209 1.69 52.09 -17.13
CA ARG A 209 1.83 51.62 -18.49
C ARG A 209 3.30 51.45 -18.90
N ARG A 210 4.23 51.73 -17.98
CA ARG A 210 5.65 51.65 -18.30
C ARG A 210 6.47 50.90 -17.26
N THR A 211 5.92 50.62 -16.07
CA THR A 211 6.58 49.76 -15.09
C THR A 211 5.76 48.53 -14.75
N TYR A 212 4.45 48.67 -14.57
CA TYR A 212 3.63 47.50 -14.24
C TYR A 212 3.57 46.53 -15.39
N VAL A 213 3.56 47.02 -16.63
CA VAL A 213 3.57 46.13 -17.79
C VAL A 213 4.87 45.33 -17.85
N THR A 214 6.00 45.99 -17.54
CA THR A 214 7.27 45.27 -17.49
C THR A 214 7.27 44.24 -16.38
N TRP A 215 6.68 44.56 -15.23
CA TRP A 215 6.59 43.58 -14.15
C TRP A 215 5.73 42.40 -14.58
N ILE A 216 4.64 42.66 -15.29
CA ILE A 216 3.81 41.59 -15.82
C ILE A 216 4.63 40.69 -16.75
N ALA A 217 5.39 41.30 -17.65
CA ALA A 217 6.20 40.51 -18.57
C ALA A 217 7.21 39.67 -17.81
N LEU A 218 7.85 40.26 -16.80
CA LEU A 218 8.82 39.53 -15.99
C LEU A 218 8.18 38.34 -15.32
N MET A 219 7.08 38.57 -14.60
CA MET A 219 6.41 37.50 -13.86
C MET A 219 5.82 36.44 -14.77
N VAL A 220 5.47 36.77 -16.01
CA VAL A 220 4.86 35.80 -16.92
C VAL A 220 5.91 35.04 -17.73
N PHE A 221 7.10 35.59 -17.94
CA PHE A 221 8.10 34.80 -18.67
C PHE A 221 9.32 34.42 -17.84
N VAL A 222 10.01 35.39 -17.26
CA VAL A 222 11.37 35.16 -16.78
C VAL A 222 11.41 34.08 -15.71
N ALA A 223 10.56 34.20 -14.69
CA ALA A 223 10.44 33.10 -13.74
C ALA A 223 9.90 31.83 -14.39
N PRO A 224 8.81 31.86 -15.16
CA PRO A 224 8.33 30.59 -15.76
C PRO A 224 9.30 29.91 -16.71
N THR A 225 9.73 30.59 -17.77
CA THR A 225 10.49 29.88 -18.80
C THR A 225 11.87 29.47 -18.30
N LEU A 226 12.56 30.38 -17.60
CA LEU A 226 13.86 30.01 -17.06
C LEU A 226 13.73 29.00 -15.94
N GLY A 227 12.64 29.07 -15.17
CA GLY A 227 12.42 28.07 -14.14
C GLY A 227 12.26 26.68 -14.72
N ILE A 228 11.43 26.54 -15.76
CA ILE A 228 11.27 25.23 -16.38
C ILE A 228 12.58 24.80 -17.06
N ALA A 229 13.32 25.77 -17.61
CA ALA A 229 14.62 25.46 -18.19
C ALA A 229 15.54 24.82 -17.17
N ALA A 230 15.65 25.43 -15.98
CA ALA A 230 16.40 24.84 -14.89
C ALA A 230 15.83 23.47 -14.54
N CYS A 231 14.50 23.35 -14.56
CA CYS A 231 13.88 22.07 -14.24
C CYS A 231 14.44 20.96 -15.12
N GLN A 232 14.44 21.12 -16.45
CA GLN A 232 14.96 19.99 -17.22
C GLN A 232 16.47 19.89 -17.11
N VAL A 233 17.18 21.03 -17.06
CA VAL A 233 18.63 20.95 -17.06
C VAL A 233 19.15 20.27 -15.80
N LEU A 234 18.34 20.14 -14.75
CA LEU A 234 18.80 19.35 -13.61
C LEU A 234 18.77 17.86 -13.91
N ILE A 235 17.92 17.42 -14.86
CA ILE A 235 17.97 16.04 -15.32
C ILE A 235 19.27 15.74 -16.07
N PHE A 236 20.06 16.76 -16.39
CA PHE A 236 21.39 16.54 -16.99
C PHE A 236 22.14 15.43 -16.29
N ARG A 237 21.93 15.30 -14.97
CA ARG A 237 22.48 14.18 -14.20
C ARG A 237 21.51 13.00 -14.32
N GLU A 238 21.16 12.67 -15.56
CA GLU A 238 20.33 11.50 -15.80
C GLU A 238 21.12 10.21 -15.66
N ILE A 239 22.44 10.29 -15.89
CA ILE A 239 23.26 9.09 -15.81
C ILE A 239 23.55 8.76 -14.36
N HIS A 240 22.72 7.88 -13.79
CA HIS A 240 22.94 7.38 -12.45
C HIS A 240 23.14 5.88 -12.53
N ALA A 241 23.22 5.24 -11.37
CA ALA A 241 23.38 3.80 -11.25
C ALA A 241 24.59 3.27 -12.01
N SER A 242 25.60 4.11 -12.20
CA SER A 242 26.83 3.77 -12.94
C SER A 242 26.44 3.36 -14.35
N LEU A 243 27.21 2.46 -14.97
CA LEU A 243 26.89 1.96 -16.29
C LEU A 243 25.84 0.85 -16.20
N VAL A 244 25.42 0.35 -17.36
CA VAL A 244 24.42 -0.72 -17.38
C VAL A 244 25.05 -1.99 -16.83
N PRO A 245 24.27 -2.87 -16.15
CA PRO A 245 24.79 -4.11 -15.57
C PRO A 245 25.39 -5.05 -16.62
N ALA A 271 19.21 6.12 -23.74
CA ALA A 271 17.87 5.56 -23.89
C ALA A 271 16.81 6.58 -23.50
N ALA A 272 16.53 6.67 -22.20
CA ALA A 272 15.54 7.62 -21.71
C ALA A 272 15.94 9.07 -21.96
N VAL A 273 17.24 9.32 -22.16
CA VAL A 273 17.72 10.68 -22.40
C VAL A 273 17.04 11.28 -23.62
N ALA A 274 16.85 10.47 -24.66
CA ALA A 274 16.22 10.95 -25.87
C ALA A 274 14.81 11.45 -25.60
N LYS A 275 14.00 10.67 -24.90
CA LYS A 275 12.64 11.11 -24.59
C LYS A 275 12.65 12.34 -23.71
N THR A 276 13.53 12.36 -22.70
CA THR A 276 13.58 13.52 -21.82
C THR A 276 13.86 14.78 -22.61
N VAL A 277 14.95 14.79 -23.40
CA VAL A 277 15.33 15.99 -24.12
C VAL A 277 14.27 16.34 -25.16
N ARG A 278 13.67 15.33 -25.80
CA ARG A 278 12.70 15.60 -26.84
C ARG A 278 11.41 16.19 -26.30
N MET A 279 11.00 15.82 -25.08
CA MET A 279 9.80 16.45 -24.54
C MET A 279 10.13 17.81 -23.94
N THR A 280 11.30 17.95 -23.32
CA THR A 280 11.69 19.22 -22.74
C THR A 280 11.80 20.31 -23.81
N LEU A 281 12.53 20.01 -24.88
CA LEU A 281 12.69 20.99 -25.95
C LEU A 281 11.34 21.38 -26.51
N VAL A 282 10.49 20.40 -26.77
CA VAL A 282 9.19 20.69 -27.38
C VAL A 282 8.36 21.58 -26.47
N ILE A 283 8.28 21.25 -25.19
CA ILE A 283 7.43 22.04 -24.30
C ILE A 283 7.96 23.45 -24.17
N VAL A 284 9.28 23.61 -24.02
CA VAL A 284 9.81 24.95 -23.82
C VAL A 284 9.63 25.79 -25.07
N VAL A 285 9.86 25.21 -26.25
CA VAL A 285 9.75 26.00 -27.47
C VAL A 285 8.30 26.36 -27.74
N VAL A 286 7.37 25.44 -27.51
CA VAL A 286 5.97 25.78 -27.75
C VAL A 286 5.53 26.87 -26.78
N TYR A 287 5.93 26.77 -25.51
CA TYR A 287 5.58 27.81 -24.55
C TYR A 287 6.09 29.17 -25.01
N VAL A 288 7.40 29.26 -25.29
CA VAL A 288 7.97 30.57 -25.60
C VAL A 288 7.40 31.11 -26.90
N LEU A 289 7.30 30.29 -27.94
CA LEU A 289 6.83 30.78 -29.22
C LEU A 289 5.37 31.20 -29.15
N CYS A 290 4.53 30.40 -28.50
CA CYS A 290 3.11 30.75 -28.43
C CYS A 290 2.90 32.02 -27.62
N TRP A 291 3.62 32.18 -26.51
CA TRP A 291 3.40 33.39 -25.73
C TRP A 291 4.16 34.60 -26.26
N ALA A 292 5.05 34.40 -27.25
CA ALA A 292 5.85 35.52 -27.74
C ALA A 292 5.03 36.67 -28.31
N PRO A 293 4.14 36.46 -29.29
CA PRO A 293 3.61 37.60 -30.04
C PRO A 293 2.74 38.53 -29.22
N PHE A 294 1.85 37.98 -28.39
CA PHE A 294 0.96 38.83 -27.60
C PHE A 294 1.76 39.77 -26.71
N PHE A 295 2.72 39.23 -25.97
CA PHE A 295 3.50 40.08 -25.07
C PHE A 295 4.48 40.97 -25.80
N LEU A 296 4.99 40.54 -26.95
CA LEU A 296 5.89 41.42 -27.70
C LEU A 296 5.15 42.64 -28.21
N VAL A 297 3.96 42.44 -28.80
CA VAL A 297 3.18 43.60 -29.21
C VAL A 297 2.70 44.36 -27.99
N GLN A 298 2.50 43.67 -26.87
CA GLN A 298 2.16 44.35 -25.62
C GLN A 298 3.23 45.36 -25.24
N LEU A 299 4.49 44.93 -25.25
CA LEU A 299 5.59 45.83 -24.93
C LEU A 299 5.76 46.93 -25.98
N TRP A 300 5.65 46.59 -27.26
CA TRP A 300 5.87 47.59 -28.29
C TRP A 300 4.71 48.58 -28.36
N ALA A 301 3.60 48.29 -27.68
CA ALA A 301 2.49 49.23 -27.68
C ALA A 301 2.38 49.97 -26.35
N ALA A 302 2.90 49.37 -25.26
CA ALA A 302 2.82 49.99 -23.94
C ALA A 302 4.13 50.65 -23.52
N TRP A 303 5.23 49.90 -23.53
CA TRP A 303 6.53 50.47 -23.17
C TRP A 303 6.92 51.61 -24.10
N ASP A 304 6.67 51.43 -25.40
CA ASP A 304 6.93 52.49 -26.37
C ASP A 304 5.76 53.46 -26.39
N PRO A 305 5.96 54.72 -26.05
CA PRO A 305 4.89 55.71 -26.22
C PRO A 305 4.55 55.89 -27.69
N GLU A 306 3.29 56.21 -27.94
CA GLU A 306 2.78 56.38 -29.30
C GLU A 306 3.00 55.10 -30.11
N ALA A 307 2.28 54.05 -29.72
CA ALA A 307 2.44 52.72 -30.30
C ALA A 307 2.53 52.81 -31.82
N PRO A 308 3.55 52.21 -32.44
CA PRO A 308 3.80 52.46 -33.87
C PRO A 308 2.66 52.07 -34.80
N LEU A 309 1.95 50.97 -34.50
CA LEU A 309 0.94 50.45 -35.40
C LEU A 309 -0.42 50.43 -34.72
N GLU A 310 -1.44 50.93 -35.42
CA GLU A 310 -2.82 50.84 -34.99
C GLU A 310 -3.70 50.20 -36.06
N GLY A 311 -3.11 49.69 -37.14
CA GLY A 311 -3.85 49.21 -38.29
C GLY A 311 -4.21 47.74 -38.18
N ALA A 312 -4.50 47.15 -39.34
CA ALA A 312 -4.97 45.77 -39.41
C ALA A 312 -4.01 44.74 -38.85
N PRO A 313 -2.70 44.75 -39.18
CA PRO A 313 -1.84 43.64 -38.73
C PRO A 313 -1.83 43.43 -37.22
N PHE A 314 -1.92 44.50 -36.44
CA PHE A 314 -1.95 44.35 -34.99
C PHE A 314 -3.28 43.79 -34.50
N VAL A 315 -4.38 44.12 -35.17
CA VAL A 315 -5.71 43.82 -34.63
C VAL A 315 -5.92 42.32 -34.49
N LEU A 316 -5.59 41.55 -35.52
CA LEU A 316 -5.79 40.11 -35.44
C LEU A 316 -4.78 39.45 -34.52
N LEU A 317 -3.51 39.87 -34.58
CA LEU A 317 -2.47 39.23 -33.80
C LEU A 317 -2.62 39.50 -32.30
N MET A 318 -3.28 40.60 -31.93
CA MET A 318 -3.46 40.84 -30.50
C MET A 318 -4.51 39.96 -29.86
N LEU A 319 -5.10 39.02 -30.62
CA LEU A 319 -6.01 38.02 -30.06
C LEU A 319 -5.64 36.61 -30.51
N LEU A 320 -4.38 36.23 -30.44
CA LEU A 320 -3.92 34.92 -30.92
C LEU A 320 -3.04 34.20 -29.91
N ALA A 321 -3.02 34.68 -28.66
CA ALA A 321 -2.14 34.09 -27.67
C ALA A 321 -2.61 32.70 -27.23
N SER A 322 -3.84 32.34 -27.56
CA SER A 322 -4.41 31.06 -27.14
C SER A 322 -4.00 29.91 -28.07
N LEU A 323 -2.92 30.10 -28.83
CA LEU A 323 -2.49 29.07 -29.77
C LEU A 323 -2.12 27.78 -29.06
N ASN A 324 -1.36 27.88 -27.97
CA ASN A 324 -0.98 26.69 -27.23
C ASN A 324 -2.13 26.04 -26.49
N SER A 325 -3.24 26.76 -26.30
CA SER A 325 -4.37 26.20 -25.56
C SER A 325 -4.87 24.91 -26.18
N CYS A 326 -4.95 24.84 -27.51
CA CYS A 326 -5.37 23.64 -28.19
C CYS A 326 -4.26 22.63 -28.38
N THR A 327 -3.03 22.97 -28.00
CA THR A 327 -1.89 22.10 -28.25
C THR A 327 -1.15 21.64 -27.01
N ASN A 328 -0.93 22.51 -26.03
CA ASN A 328 -0.15 22.12 -24.87
C ASN A 328 -0.74 20.90 -24.15
N PRO A 329 -2.07 20.77 -23.99
CA PRO A 329 -2.57 19.49 -23.48
C PRO A 329 -2.22 18.34 -24.40
N TRP A 330 -2.28 18.56 -25.71
CA TRP A 330 -1.81 17.55 -26.66
C TRP A 330 -0.31 17.34 -26.51
N ILE A 331 0.44 18.40 -26.22
CA ILE A 331 1.88 18.25 -26.03
C ILE A 331 2.17 17.27 -24.91
N TYR A 332 1.52 17.45 -23.75
CA TYR A 332 1.70 16.50 -22.67
C TYR A 332 1.14 15.12 -22.98
N ALA A 333 -0.03 15.03 -23.60
CA ALA A 333 -0.62 13.75 -23.92
C ALA A 333 0.24 12.93 -24.86
N SER A 334 0.97 13.58 -25.75
CA SER A 334 1.88 12.86 -26.64
C SER A 334 2.97 12.14 -25.86
N PHE A 335 3.51 12.81 -24.83
CA PHE A 335 4.59 12.20 -24.06
C PHE A 335 4.07 11.05 -23.19
N SER A 336 2.82 11.14 -22.74
CA SER A 336 2.23 10.07 -21.96
C SER A 336 1.79 8.93 -22.89
N SER A 337 2.56 7.85 -22.86
CA SER A 337 2.27 6.66 -23.65
C SER A 337 0.94 6.01 -23.28
N SER A 338 0.43 6.29 -22.09
CA SER A 338 -0.86 5.75 -21.69
C SER A 338 -2.00 6.44 -22.44
N VAL A 339 -2.13 7.75 -22.24
CA VAL A 339 -3.25 8.48 -22.85
C VAL A 339 -3.10 8.52 -24.36
N SER A 340 -1.87 8.42 -24.87
CA SER A 340 -1.67 8.40 -26.32
C SER A 340 -2.26 7.15 -26.94
N SER A 341 -1.93 5.98 -26.39
CA SER A 341 -2.54 4.74 -26.87
C SER A 341 -4.04 4.75 -26.64
N GLU A 342 -4.48 5.34 -25.52
CA GLU A 342 -5.92 5.46 -25.28
C GLU A 342 -6.62 6.24 -26.39
N LEU A 343 -6.08 7.41 -26.75
CA LEU A 343 -6.73 8.23 -27.76
C LEU A 343 -6.60 7.60 -29.14
N ARG A 344 -5.51 6.87 -29.39
CA ARG A 344 -5.39 6.17 -30.67
C ARG A 344 -6.36 5.01 -30.78
N SER A 345 -6.70 4.33 -29.67
CA SER A 345 -7.74 3.31 -29.72
C SER A 345 -9.12 3.93 -29.82
N LEU A 346 -9.31 5.12 -29.26
CA LEU A 346 -10.59 5.82 -29.33
C LEU A 346 -10.71 6.72 -30.55
N LEU A 347 -10.04 6.39 -31.65
CA LEU A 347 -10.19 7.18 -32.88
C LEU A 347 -11.65 7.24 -33.30
N CYS A 348 -12.35 6.09 -33.28
CA CYS A 348 -13.78 6.05 -33.53
C CYS A 348 -14.49 5.85 -32.20
N CYS A 349 -14.68 6.95 -31.48
CA CYS A 349 -15.33 6.90 -30.18
C CYS A 349 -16.53 7.85 -30.14
N GLU A 363 4.63 -19.64 -20.01
CA GLU A 363 6.04 -19.74 -19.62
C GLU A 363 6.21 -19.55 -18.12
N CYS A 365 6.13 -21.93 -13.96
CA CYS A 365 6.17 -23.19 -13.24
C CYS A 365 5.42 -23.11 -11.93
N ALA A 368 6.89 -26.70 -5.29
CA ALA A 368 6.38 -27.93 -4.73
C ALA A 368 7.17 -28.35 -3.50
N LEU A 372 11.56 -36.42 3.73
CA LEU A 372 12.91 -36.91 3.95
C LEU A 372 12.92 -37.98 5.03
N ALA A 373 14.10 -38.47 5.36
CA ALA A 373 14.28 -39.49 6.39
C ALA A 373 15.02 -38.88 7.58
N LYS A 374 14.45 -39.00 8.77
CA LYS A 374 15.08 -38.48 9.97
C LYS A 374 16.29 -39.35 10.35
N ASP A 375 17.21 -38.73 11.10
CA ASP A 375 18.43 -39.38 11.56
C ASP A 375 19.23 -39.99 10.41
N CYS B 1 -5.29 43.12 -25.73
CA CYS B 1 -6.51 43.78 -25.26
C CYS B 1 -6.85 43.37 -23.82
N TYR B 2 -6.46 42.15 -23.46
CA TYR B 2 -6.84 41.56 -22.17
C TYR B 2 -6.40 42.40 -20.99
N PHE B 3 -5.15 42.85 -21.01
CA PHE B 3 -4.60 43.67 -19.94
C PHE B 3 -3.98 44.96 -20.47
N GLN B 4 -4.37 45.39 -21.66
CA GLN B 4 -3.81 46.58 -22.28
C GLN B 4 -4.92 47.38 -22.93
N ASN B 5 -4.62 48.63 -23.29
CA ASN B 5 -5.60 49.41 -24.02
C ASN B 5 -5.83 48.84 -25.41
N CYS B 6 -6.96 48.16 -25.57
CA CYS B 6 -7.31 47.58 -26.86
C CYS B 6 -7.84 48.68 -27.78
N PRO B 7 -7.52 48.65 -29.08
CA PRO B 7 -8.11 49.62 -30.00
C PRO B 7 -9.62 49.46 -30.03
N ARG B 8 -10.31 50.60 -30.14
CA ARG B 8 -11.77 50.62 -30.04
C ARG B 8 -12.41 50.25 -31.39
N GLY B 9 -13.25 49.22 -31.34
CA GLY B 9 -13.94 48.75 -32.52
C GLY B 9 -15.29 49.41 -32.72
N THR C 48 11.16 -33.69 8.86
CA THR C 48 10.45 -32.53 8.35
C THR C 48 10.22 -32.66 6.85
N ARG C 49 9.71 -31.59 6.23
CA ARG C 49 9.45 -31.55 4.81
C ARG C 49 10.38 -30.54 4.14
N VAL C 50 10.54 -30.69 2.83
CA VAL C 50 11.39 -29.81 2.03
C VAL C 50 10.66 -29.38 0.78
N PHE C 51 10.86 -28.12 0.40
CA PHE C 51 10.21 -27.55 -0.77
C PHE C 51 11.09 -27.71 -2.00
N LYS C 52 10.46 -27.85 -3.17
CA LYS C 52 11.19 -27.86 -4.43
C LYS C 52 10.56 -26.86 -5.38
N LYS C 53 11.34 -26.46 -6.37
CA LYS C 53 10.81 -25.79 -7.55
C LYS C 53 11.46 -26.37 -8.79
N ALA C 54 10.64 -26.76 -9.76
CA ALA C 54 11.11 -27.35 -11.00
C ALA C 54 11.26 -26.28 -12.07
N SER C 55 12.45 -26.26 -12.69
CA SER C 55 12.70 -25.30 -13.76
C SER C 55 11.87 -25.67 -14.99
N PRO C 56 11.56 -24.69 -15.84
CA PRO C 56 10.74 -24.99 -17.03
C PRO C 56 11.34 -26.06 -17.92
N ASN C 57 12.66 -26.09 -18.08
CA ASN C 57 13.31 -27.06 -18.93
C ASN C 57 13.36 -28.45 -18.33
N GLY C 58 13.07 -28.58 -17.03
CA GLY C 58 13.13 -29.86 -16.36
C GLY C 58 14.53 -30.39 -16.14
N LYS C 59 15.53 -29.84 -16.84
CA LYS C 59 16.91 -30.25 -16.62
C LYS C 59 17.37 -29.90 -15.21
N LEU C 60 16.95 -28.75 -14.70
CA LEU C 60 17.36 -28.27 -13.40
C LEU C 60 16.16 -28.25 -12.47
N THR C 61 16.42 -28.49 -11.19
CA THR C 61 15.40 -28.39 -10.15
C THR C 61 16.09 -27.90 -8.90
N VAL C 62 15.38 -27.18 -8.03
CA VAL C 62 15.97 -26.66 -6.82
C VAL C 62 15.22 -27.21 -5.62
N TYR C 63 15.97 -27.55 -4.56
CA TYR C 63 15.40 -28.04 -3.31
C TYR C 63 15.91 -27.19 -2.18
N LEU C 64 14.98 -26.62 -1.40
CA LEU C 64 15.30 -25.81 -0.24
C LEU C 64 14.51 -26.32 0.96
N GLY C 65 15.04 -26.03 2.15
CA GLY C 65 14.40 -26.50 3.37
C GLY C 65 13.34 -25.57 3.91
N LYS C 66 13.69 -24.32 4.18
CA LYS C 66 12.75 -23.39 4.77
C LYS C 66 12.81 -22.07 4.03
N ARG C 67 11.63 -21.54 3.69
CA ARG C 67 11.51 -20.33 2.90
C ARG C 67 12.11 -19.09 3.58
N ASP C 68 11.87 -18.91 4.87
CA ASP C 68 12.31 -17.71 5.57
C ASP C 68 13.53 -18.04 6.41
N PHE C 69 14.30 -17.01 6.74
CA PHE C 69 15.55 -17.14 7.47
C PHE C 69 15.57 -16.14 8.61
N VAL C 70 15.85 -16.61 9.81
CA VAL C 70 15.85 -15.74 10.98
C VAL C 70 17.10 -14.89 10.94
N ASP C 71 16.93 -13.58 11.03
CA ASP C 71 18.06 -12.65 11.06
C ASP C 71 18.33 -12.24 12.50
N HIS C 72 19.10 -13.07 13.22
CA HIS C 72 19.51 -12.74 14.57
C HIS C 72 20.49 -11.57 14.63
N ILE C 73 20.77 -10.96 13.47
CA ILE C 73 21.62 -9.78 13.36
C ILE C 73 23.06 -10.13 13.73
N ASP C 74 23.26 -10.60 14.95
CA ASP C 74 24.60 -11.03 15.35
C ASP C 74 25.09 -12.20 14.48
N LEU C 75 24.22 -13.15 14.17
CA LEU C 75 24.54 -14.14 13.15
C LEU C 75 23.35 -14.23 12.20
N VAL C 76 23.60 -14.84 11.05
CA VAL C 76 22.59 -15.01 10.01
C VAL C 76 22.48 -16.49 9.69
N ASP C 77 21.25 -16.93 9.43
CA ASP C 77 21.04 -18.32 9.07
C ASP C 77 21.76 -18.63 7.76
N PRO C 78 22.65 -19.62 7.75
CA PRO C 78 23.26 -20.02 6.48
C PRO C 78 22.21 -20.55 5.53
N VAL C 79 22.19 -19.98 4.32
CA VAL C 79 21.16 -20.31 3.35
C VAL C 79 21.75 -21.41 2.47
N ASP C 80 21.35 -22.65 2.75
CA ASP C 80 21.89 -23.81 2.05
C ASP C 80 20.78 -24.52 1.29
N GLY C 81 21.06 -24.82 0.03
CA GLY C 81 20.12 -25.56 -0.77
C GLY C 81 20.83 -26.52 -1.69
N VAL C 82 20.05 -27.24 -2.51
CA VAL C 82 20.63 -28.15 -3.48
C VAL C 82 19.94 -27.96 -4.82
N VAL C 83 20.62 -28.38 -5.88
CA VAL C 83 20.09 -28.33 -7.23
C VAL C 83 20.22 -29.70 -7.84
N LEU C 84 19.09 -30.29 -8.20
CA LEU C 84 19.08 -31.49 -9.02
C LEU C 84 19.38 -31.11 -10.46
N VAL C 85 20.32 -31.80 -11.08
CA VAL C 85 20.84 -31.44 -12.39
C VAL C 85 20.68 -32.63 -13.32
N ASP C 86 20.30 -32.37 -14.56
CA ASP C 86 20.20 -33.43 -15.57
C ASP C 86 21.31 -33.28 -16.60
N PRO C 87 22.47 -33.92 -16.39
CA PRO C 87 23.52 -33.87 -17.41
C PRO C 87 23.12 -34.53 -18.72
N GLU C 88 22.10 -35.39 -18.72
CA GLU C 88 21.61 -35.99 -19.94
C GLU C 88 21.13 -34.94 -20.94
N TYR C 89 20.29 -33.99 -20.51
CA TYR C 89 19.87 -32.89 -21.35
C TYR C 89 20.71 -31.64 -21.19
N LEU C 90 21.64 -31.62 -20.25
CA LEU C 90 22.57 -30.50 -20.09
C LEU C 90 23.54 -30.47 -21.26
N LYS C 91 23.83 -29.26 -21.74
CA LYS C 91 24.77 -29.08 -22.84
C LYS C 91 25.74 -27.95 -22.57
N GLU C 92 25.36 -27.02 -21.69
CA GLU C 92 26.22 -25.87 -21.43
C GLU C 92 27.48 -26.23 -20.66
N ARG C 93 27.54 -27.44 -20.11
CA ARG C 93 28.67 -27.99 -19.38
C ARG C 93 29.01 -27.18 -18.12
N ARG C 94 28.17 -26.23 -17.72
CA ARG C 94 28.38 -25.50 -16.48
C ARG C 94 27.05 -24.93 -15.99
N VAL C 95 26.87 -24.88 -14.66
CA VAL C 95 25.65 -24.38 -14.05
C VAL C 95 26.06 -23.44 -12.93
N TYR C 96 25.33 -22.33 -12.78
CA TYR C 96 25.53 -21.40 -11.69
C TYR C 96 24.24 -21.17 -10.93
N VAL C 97 24.38 -20.97 -9.62
CA VAL C 97 23.29 -20.55 -8.76
C VAL C 97 23.72 -19.26 -8.08
N THR C 98 22.86 -18.26 -8.14
CA THR C 98 23.21 -16.96 -7.56
C THR C 98 22.06 -16.46 -6.69
N LEU C 99 22.43 -15.74 -5.64
CA LEU C 99 21.52 -15.18 -4.67
C LEU C 99 21.66 -13.67 -4.67
N THR C 100 20.54 -12.96 -4.74
CA THR C 100 20.59 -11.52 -4.78
C THR C 100 19.69 -10.96 -3.69
N CYS C 101 20.04 -9.76 -3.23
CA CYS C 101 19.10 -8.96 -2.45
C CYS C 101 18.90 -7.66 -3.22
N ALA C 102 17.63 -7.34 -3.50
CA ALA C 102 17.35 -6.25 -4.40
C ALA C 102 16.16 -5.43 -3.90
N PHE C 103 16.27 -4.12 -4.06
CA PHE C 103 15.15 -3.23 -3.77
C PHE C 103 14.63 -2.64 -5.08
N ARG C 104 13.32 -2.74 -5.29
CA ARG C 104 12.74 -2.36 -6.56
C ARG C 104 12.76 -0.85 -6.76
N TYR C 105 13.00 -0.43 -8.00
CA TYR C 105 12.86 0.97 -8.38
C TYR C 105 11.43 1.42 -8.19
N GLY C 106 11.24 2.65 -7.71
CA GLY C 106 9.93 3.10 -7.29
C GLY C 106 8.91 3.36 -8.39
N ARG C 107 7.92 2.48 -8.49
CA ARG C 107 6.72 2.64 -9.33
C ARG C 107 7.15 3.05 -10.74
N GLU C 108 6.94 4.30 -11.14
CA GLU C 108 7.06 4.68 -12.54
C GLU C 108 8.51 5.00 -12.91
N ASP C 109 8.85 4.66 -14.16
CA ASP C 109 10.14 4.97 -14.75
C ASP C 109 9.94 5.67 -16.09
N LEU C 110 10.57 6.83 -16.26
CA LEU C 110 10.35 7.68 -17.42
C LEU C 110 8.86 7.91 -17.67
N ASP C 111 8.23 8.58 -16.70
CA ASP C 111 6.82 8.96 -16.61
C ASP C 111 5.86 7.82 -16.89
N VAL C 112 6.26 6.55 -16.70
CA VAL C 112 5.36 5.42 -16.88
C VAL C 112 5.82 4.30 -15.95
N LEU C 113 4.88 3.52 -15.45
CA LEU C 113 5.24 2.45 -14.52
C LEU C 113 5.53 1.16 -15.27
N GLY C 114 6.24 0.26 -14.61
CA GLY C 114 6.55 -1.04 -15.17
C GLY C 114 8.05 -1.24 -15.24
N LEU C 115 8.42 -2.49 -15.52
CA LEU C 115 9.80 -2.91 -15.67
C LEU C 115 10.55 -2.75 -14.36
N THR C 116 11.77 -3.29 -14.28
CA THR C 116 12.53 -3.31 -13.04
C THR C 116 13.88 -2.65 -13.25
N PHE C 117 14.00 -1.40 -12.83
CA PHE C 117 15.29 -0.78 -12.58
C PHE C 117 15.71 -0.90 -11.13
N ARG C 118 15.38 -2.01 -10.47
CA ARG C 118 15.79 -2.22 -9.10
C ARG C 118 17.30 -2.18 -8.99
N LYS C 119 17.80 -1.57 -7.92
CA LYS C 119 19.23 -1.55 -7.69
C LYS C 119 19.65 -2.83 -6.98
N ASP C 120 20.73 -3.43 -7.46
CA ASP C 120 21.25 -4.65 -6.87
C ASP C 120 21.90 -4.30 -5.54
N LEU C 121 21.16 -4.47 -4.44
CA LEU C 121 21.74 -4.19 -3.14
C LEU C 121 22.90 -5.10 -2.84
N PHE C 122 22.76 -6.39 -3.11
CA PHE C 122 23.90 -7.30 -3.03
C PHE C 122 23.62 -8.55 -3.84
N VAL C 123 24.60 -8.93 -4.65
CA VAL C 123 24.52 -10.13 -5.47
C VAL C 123 25.72 -11.00 -5.15
N ALA C 124 25.51 -12.31 -5.09
CA ALA C 124 26.59 -13.26 -4.95
C ALA C 124 26.29 -14.46 -5.82
N ASN C 125 27.36 -15.10 -6.29
CA ASN C 125 27.23 -16.21 -7.23
C ASN C 125 27.93 -17.42 -6.65
N VAL C 126 27.63 -18.58 -7.21
CA VAL C 126 28.38 -19.79 -6.91
C VAL C 126 28.20 -20.79 -8.04
N GLN C 127 29.27 -21.54 -8.29
CA GLN C 127 29.22 -22.64 -9.24
C GLN C 127 28.23 -23.69 -8.76
N SER C 128 27.56 -24.34 -9.72
CA SER C 128 26.58 -25.36 -9.36
C SER C 128 27.01 -26.73 -9.84
N PHE C 129 27.24 -26.86 -11.15
CA PHE C 129 27.67 -28.12 -11.73
C PHE C 129 28.43 -27.85 -13.01
N PRO C 130 29.66 -28.34 -13.19
CA PRO C 130 30.34 -29.21 -12.21
C PRO C 130 30.80 -28.47 -10.97
N PRO C 131 30.73 -29.14 -9.82
CA PRO C 131 31.18 -28.51 -8.57
C PRO C 131 32.64 -28.12 -8.63
N ALA C 132 32.97 -26.98 -8.03
CA ALA C 132 34.35 -26.56 -8.01
C ALA C 132 35.12 -27.39 -6.98
N PRO C 133 36.10 -28.18 -7.42
CA PRO C 133 36.90 -28.94 -6.44
C PRO C 133 37.63 -28.05 -5.46
N GLU C 134 38.08 -26.87 -5.90
CA GLU C 134 38.70 -25.90 -5.01
C GLU C 134 37.73 -25.45 -3.92
N ASP C 135 36.46 -25.37 -4.25
CA ASP C 135 35.44 -24.99 -3.28
C ASP C 135 35.09 -26.18 -2.40
N LYS C 136 35.64 -26.19 -1.19
CA LYS C 136 35.35 -27.24 -0.21
C LYS C 136 34.83 -26.56 1.06
N LYS C 137 33.65 -26.97 1.51
CA LYS C 137 33.01 -26.37 2.66
C LYS C 137 32.19 -27.41 3.42
N PRO C 138 32.02 -27.24 4.73
CA PRO C 138 31.27 -28.23 5.50
C PRO C 138 29.78 -28.16 5.21
N LEU C 139 29.27 -29.21 4.58
CA LEU C 139 27.87 -29.31 4.26
C LEU C 139 27.05 -29.44 5.54
N THR C 140 25.86 -28.83 5.53
CA THR C 140 24.98 -28.94 6.68
C THR C 140 24.20 -30.25 6.62
N ARG C 141 23.57 -30.58 7.75
CA ARG C 141 22.85 -31.85 7.84
C ARG C 141 21.73 -31.94 6.82
N LEU C 142 20.98 -30.85 6.64
CA LEU C 142 19.92 -30.85 5.64
C LEU C 142 20.48 -31.09 4.24
N GLN C 143 21.64 -30.50 3.96
CA GLN C 143 22.25 -30.70 2.64
C GLN C 143 22.51 -32.18 2.38
N GLU C 144 23.17 -32.86 3.31
CA GLU C 144 23.48 -34.27 3.11
C GLU C 144 22.22 -35.14 3.13
N ARG C 145 21.19 -34.73 3.88
CA ARG C 145 19.93 -35.45 3.83
C ARG C 145 19.33 -35.39 2.43
N LEU C 146 19.27 -34.20 1.85
CA LEU C 146 18.77 -34.08 0.48
C LEU C 146 19.66 -34.83 -0.50
N ILE C 147 20.98 -34.83 -0.27
CA ILE C 147 21.88 -35.53 -1.17
C ILE C 147 21.59 -37.03 -1.16
N LYS C 148 21.42 -37.62 0.02
CA LYS C 148 21.13 -39.05 0.06
C LYS C 148 19.73 -39.34 -0.49
N LYS C 149 18.78 -38.43 -0.29
CA LYS C 149 17.45 -38.66 -0.83
C LYS C 149 17.45 -38.64 -2.35
N LEU C 150 18.21 -37.72 -2.95
CA LEU C 150 18.18 -37.54 -4.38
C LEU C 150 19.33 -38.24 -5.10
N GLY C 151 20.56 -37.93 -4.75
CA GLY C 151 21.72 -38.60 -5.33
C GLY C 151 22.77 -37.62 -5.82
N GLU C 152 23.64 -38.13 -6.69
CA GLU C 152 24.76 -37.36 -7.22
C GLU C 152 24.31 -36.18 -8.06
N HIS C 153 23.16 -36.28 -8.72
CA HIS C 153 22.65 -35.18 -9.53
C HIS C 153 22.19 -34.00 -8.69
N ALA C 154 22.10 -34.16 -7.38
CA ALA C 154 21.86 -33.06 -6.47
C ALA C 154 23.21 -32.48 -6.04
N TYR C 155 23.38 -31.18 -6.21
CA TYR C 155 24.63 -30.51 -5.87
C TYR C 155 24.34 -29.37 -4.92
N PRO C 156 25.05 -29.28 -3.80
CA PRO C 156 24.68 -28.32 -2.77
C PRO C 156 25.30 -26.95 -3.02
N PHE C 157 24.80 -25.97 -2.27
CA PHE C 157 25.32 -24.61 -2.30
C PHE C 157 24.95 -23.92 -0.99
N THR C 158 25.85 -23.06 -0.53
CA THR C 158 25.67 -22.34 0.73
C THR C 158 25.92 -20.87 0.50
N PHE C 159 25.13 -20.02 1.15
CA PHE C 159 25.29 -18.58 1.09
C PHE C 159 25.28 -18.01 2.50
N GLU C 160 26.32 -17.24 2.80
CA GLU C 160 26.48 -16.59 4.10
C GLU C 160 26.08 -15.14 3.95
N ILE C 161 24.83 -14.84 4.26
CA ILE C 161 24.29 -13.48 4.12
C ILE C 161 24.96 -12.61 5.18
N PRO C 162 25.67 -11.55 4.80
CA PRO C 162 26.31 -10.71 5.81
C PRO C 162 25.26 -9.97 6.62
N PRO C 163 25.57 -9.64 7.88
CA PRO C 163 24.64 -8.82 8.67
C PRO C 163 24.60 -7.41 8.13
N ASN C 164 23.70 -6.61 8.70
CA ASN C 164 23.46 -5.22 8.34
C ASN C 164 22.88 -5.08 6.93
N LEU C 165 22.10 -6.01 6.52
CA LEU C 165 21.42 -5.85 5.24
C LEU C 165 19.92 -5.64 5.47
N PRO C 166 19.26 -4.93 4.56
CA PRO C 166 17.87 -4.53 4.80
C PRO C 166 16.96 -5.74 4.98
N CYS C 167 16.00 -5.58 5.88
CA CYS C 167 15.02 -6.64 6.09
C CYS C 167 14.10 -6.76 4.88
N SER C 168 13.49 -7.93 4.76
CA SER C 168 12.60 -8.19 3.64
C SER C 168 11.32 -7.39 3.84
N VAL C 169 11.27 -6.21 3.23
CA VAL C 169 10.18 -5.27 3.43
C VAL C 169 9.54 -5.00 2.06
N THR C 170 8.24 -4.80 2.05
CA THR C 170 7.47 -4.62 0.83
C THR C 170 6.77 -3.27 0.87
N LEU C 171 6.43 -2.75 -0.29
CA LEU C 171 5.71 -1.49 -0.37
C LEU C 171 4.27 -1.73 -0.82
N GLN C 172 3.34 -1.06 -0.17
CA GLN C 172 1.93 -1.26 -0.47
C GLN C 172 1.66 -0.90 -1.92
N PRO C 173 1.36 -1.88 -2.78
CA PRO C 173 1.11 -1.58 -4.18
C PRO C 173 -0.20 -0.81 -4.34
N GLY C 174 -0.27 -0.07 -5.43
CA GLY C 174 -1.52 0.52 -5.84
C GLY C 174 -2.43 -0.52 -6.45
N PRO C 175 -3.74 -0.22 -6.45
CA PRO C 175 -4.69 -1.18 -7.02
C PRO C 175 -4.46 -1.43 -8.50
N GLU C 176 -3.75 -0.54 -9.17
CA GLU C 176 -3.49 -0.66 -10.60
C GLU C 176 -2.15 -1.34 -10.89
N ASP C 177 -1.39 -1.67 -9.84
CA ASP C 177 -0.06 -2.26 -10.00
C ASP C 177 -0.19 -3.73 -10.38
N THR C 178 0.11 -4.04 -11.65
CA THR C 178 -0.01 -5.39 -12.16
C THR C 178 1.31 -6.12 -12.33
N GLY C 179 2.44 -5.42 -12.19
CA GLY C 179 3.73 -6.06 -12.29
C GLY C 179 4.15 -6.71 -10.99
N LYS C 180 5.40 -7.16 -10.96
CA LYS C 180 5.94 -7.72 -9.74
C LYS C 180 6.04 -6.66 -8.66
N ALA C 181 5.77 -7.06 -7.42
CA ALA C 181 5.60 -6.12 -6.32
C ALA C 181 6.88 -5.32 -6.09
N CYS C 182 6.71 -4.04 -5.76
CA CYS C 182 7.83 -3.16 -5.49
C CYS C 182 8.19 -3.17 -4.02
N GLY C 183 9.49 -3.29 -3.75
CA GLY C 183 9.97 -3.35 -2.39
C GLY C 183 11.35 -3.97 -2.26
N VAL C 184 11.60 -4.62 -1.13
CA VAL C 184 12.89 -5.23 -0.81
C VAL C 184 12.68 -6.71 -0.58
N ASP C 185 13.51 -7.54 -1.21
CA ASP C 185 13.39 -8.98 -1.08
C ASP C 185 14.66 -9.66 -1.57
N TYR C 186 14.83 -10.93 -1.19
CA TYR C 186 15.93 -11.72 -1.67
C TYR C 186 15.41 -12.64 -2.78
N GLU C 187 16.30 -13.07 -3.66
CA GLU C 187 15.91 -14.05 -4.66
C GLU C 187 17.09 -14.98 -4.94
N VAL C 188 16.87 -16.27 -4.76
CA VAL C 188 17.81 -17.28 -5.21
C VAL C 188 17.42 -17.65 -6.63
N LYS C 189 18.36 -18.12 -7.42
CA LYS C 189 18.04 -18.52 -8.79
C LYS C 189 19.11 -19.47 -9.31
N ALA C 190 18.69 -20.35 -10.21
CA ALA C 190 19.55 -21.34 -10.82
C ALA C 190 19.45 -21.22 -12.33
N PHE C 191 20.54 -21.59 -13.02
CA PHE C 191 20.59 -21.56 -14.47
C PHE C 191 21.84 -22.28 -14.93
N CYS C 192 21.69 -23.10 -15.96
CA CYS C 192 22.79 -23.87 -16.52
C CYS C 192 23.41 -23.08 -17.65
N ALA C 193 24.58 -22.49 -17.39
CA ALA C 193 25.29 -21.73 -18.40
C ALA C 193 26.78 -21.87 -18.16
N GLU C 194 27.54 -21.77 -19.25
CA GLU C 194 28.98 -21.97 -19.18
C GLU C 194 29.68 -20.90 -18.35
N ASN C 195 29.22 -19.66 -18.42
CA ASN C 195 29.85 -18.58 -17.67
C ASN C 195 28.78 -17.61 -17.20
N LEU C 196 29.21 -16.60 -16.43
CA LEU C 196 28.31 -15.62 -15.85
C LEU C 196 27.84 -14.57 -16.85
N GLU C 197 28.68 -14.20 -17.81
CA GLU C 197 28.35 -13.11 -18.74
C GLU C 197 27.09 -13.39 -19.53
N GLU C 198 26.83 -14.64 -19.86
CA GLU C 198 25.83 -14.98 -20.85
C GLU C 198 24.45 -14.46 -20.44
N LYS C 199 23.71 -13.98 -21.43
CA LYS C 199 22.35 -13.51 -21.23
C LYS C 199 21.52 -14.62 -20.59
N ILE C 200 20.79 -14.26 -19.53
CA ILE C 200 19.96 -15.25 -18.84
C ILE C 200 18.81 -15.63 -19.75
N HIS C 201 18.72 -16.92 -20.08
CA HIS C 201 17.72 -17.36 -21.03
C HIS C 201 16.56 -18.01 -20.28
N LYS C 202 15.38 -17.37 -20.37
CA LYS C 202 14.26 -17.74 -19.52
C LYS C 202 13.79 -19.16 -19.78
N ARG C 203 14.13 -19.73 -20.94
CA ARG C 203 13.83 -21.12 -21.20
C ARG C 203 14.80 -22.04 -20.46
N ASN C 204 15.90 -21.47 -19.95
CA ASN C 204 16.97 -22.22 -19.29
C ASN C 204 17.35 -21.64 -17.93
N SER C 205 16.38 -21.35 -17.07
CA SER C 205 16.68 -20.84 -15.74
C SER C 205 15.47 -21.04 -14.84
N VAL C 206 15.64 -20.70 -13.57
CA VAL C 206 14.57 -20.80 -12.58
C VAL C 206 14.89 -19.86 -11.42
N ARG C 207 13.86 -19.33 -10.77
CA ARG C 207 14.01 -18.34 -9.72
C ARG C 207 13.12 -18.70 -8.54
N LEU C 208 13.49 -18.23 -7.36
CA LEU C 208 12.71 -18.44 -6.15
C LEU C 208 12.94 -17.26 -5.21
N VAL C 209 11.88 -16.50 -4.93
CA VAL C 209 11.99 -15.32 -4.09
C VAL C 209 11.86 -15.73 -2.64
N ILE C 210 12.60 -15.07 -1.77
CA ILE C 210 12.67 -15.42 -0.36
C ILE C 210 12.77 -14.16 0.49
N ARG C 211 12.49 -14.33 1.78
CA ARG C 211 12.42 -13.27 2.76
C ARG C 211 13.17 -13.68 4.02
N LYS C 212 13.67 -12.70 4.76
CA LYS C 212 14.33 -12.94 6.03
C LYS C 212 13.71 -12.04 7.09
N VAL C 213 13.60 -12.57 8.31
CA VAL C 213 12.75 -11.97 9.33
C VAL C 213 13.57 -11.79 10.61
N GLN C 214 13.16 -10.82 11.41
CA GLN C 214 13.73 -10.59 12.74
C GLN C 214 12.62 -10.75 13.76
N TYR C 215 12.99 -10.81 15.04
CA TYR C 215 12.03 -11.10 16.08
C TYR C 215 12.32 -10.32 17.36
N ALA C 216 11.28 -10.18 18.16
CA ALA C 216 11.34 -9.37 19.36
C ALA C 216 12.27 -10.00 20.39
N PRO C 217 13.16 -9.21 21.00
CA PRO C 217 13.94 -9.74 22.13
C PRO C 217 13.03 -10.15 23.27
N GLU C 218 13.38 -11.26 23.92
CA GLU C 218 12.60 -11.72 25.05
C GLU C 218 12.85 -10.86 26.29
N ARG C 219 13.93 -10.08 26.27
CA ARG C 219 14.27 -9.23 27.40
C ARG C 219 13.66 -7.85 27.21
N PRO C 220 12.75 -7.43 28.07
CA PRO C 220 12.18 -6.09 27.93
C PRO C 220 13.22 -5.02 28.24
N GLY C 221 13.08 -3.88 27.57
CA GLY C 221 13.89 -2.74 27.89
C GLY C 221 13.25 -1.91 29.00
N PRO C 222 13.84 -0.76 29.28
CA PRO C 222 13.25 0.14 30.28
C PRO C 222 11.91 0.66 29.78
N GLN C 223 11.02 0.91 30.73
CA GLN C 223 9.68 1.35 30.37
C GLN C 223 9.80 2.74 29.75
N PRO C 224 9.32 2.94 28.52
CA PRO C 224 9.55 4.22 27.83
C PRO C 224 8.79 5.39 28.43
N THR C 225 9.47 6.54 28.53
CA THR C 225 8.88 7.76 29.06
C THR C 225 9.27 8.94 28.18
N ALA C 226 8.40 9.96 28.16
CA ALA C 226 8.75 11.24 27.57
C ALA C 226 7.98 12.33 28.28
N GLU C 227 8.53 13.54 28.24
CA GLU C 227 7.91 14.70 28.86
C GLU C 227 8.32 15.96 28.12
N THR C 228 7.45 16.96 28.18
CA THR C 228 7.72 18.27 27.63
C THR C 228 7.20 19.31 28.61
N THR C 229 7.74 20.52 28.47
CA THR C 229 7.33 21.66 29.26
C THR C 229 7.21 22.85 28.33
N ARG C 230 6.02 23.05 27.76
CA ARG C 230 5.78 24.15 26.85
C ARG C 230 5.32 25.35 27.64
N GLN C 231 5.94 26.50 27.39
CA GLN C 231 5.60 27.75 28.04
C GLN C 231 5.25 28.77 26.97
N PHE C 232 4.29 29.64 27.27
CA PHE C 232 3.92 30.69 26.35
C PHE C 232 4.33 32.05 26.90
N LEU C 233 4.43 33.02 26.00
CA LEU C 233 4.84 34.37 26.40
C LEU C 233 3.77 35.02 27.26
N MET C 234 2.55 34.47 27.23
CA MET C 234 1.42 35.06 27.91
C MET C 234 1.38 34.77 29.40
N SER C 235 2.12 33.79 29.88
CA SER C 235 2.04 33.35 31.27
C SER C 235 3.39 32.91 31.80
N ASP C 236 3.51 32.91 33.12
CA ASP C 236 4.72 32.47 33.81
C ASP C 236 4.77 30.96 34.05
N LYS C 237 3.71 30.39 34.66
CA LYS C 237 3.66 28.97 34.97
C LYS C 237 3.68 28.14 33.69
N PRO C 238 4.30 26.97 33.74
CA PRO C 238 4.47 26.16 32.53
C PRO C 238 3.33 25.17 32.33
N LEU C 239 3.22 24.70 31.09
CA LEU C 239 2.33 23.61 30.73
C LEU C 239 3.16 22.35 30.54
N HIS C 240 3.04 21.41 31.48
CA HIS C 240 3.85 20.19 31.47
C HIS C 240 3.01 19.03 30.92
N LEU C 241 3.66 18.14 30.18
CA LEU C 241 2.99 16.99 29.59
C LEU C 241 3.92 15.80 29.66
N GLU C 242 3.37 14.62 29.95
CA GLU C 242 4.16 13.40 30.06
C GLU C 242 3.39 12.22 29.48
N ALA C 243 4.11 11.35 28.79
CA ALA C 243 3.52 10.15 28.21
C ALA C 243 4.41 8.96 28.54
N SER C 244 3.78 7.80 28.73
CA SER C 244 4.49 6.59 29.10
C SER C 244 3.83 5.39 28.42
N LEU C 245 4.67 4.48 27.94
CA LEU C 245 4.20 3.22 27.39
C LEU C 245 4.66 2.06 28.26
N ASP C 246 3.79 1.07 28.39
CA ASP C 246 4.01 0.00 29.36
C ASP C 246 5.27 -0.80 29.06
N LYS C 247 5.52 -1.14 27.80
CA LYS C 247 6.65 -1.98 27.46
C LYS C 247 7.23 -1.49 26.14
N GLU C 248 8.54 -1.71 25.97
CA GLU C 248 9.24 -1.34 24.76
C GLU C 248 8.77 -2.13 23.55
N ILE C 249 8.11 -3.26 23.76
CA ILE C 249 7.80 -4.21 22.71
C ILE C 249 6.29 -4.42 22.67
N TYR C 250 5.77 -4.59 21.45
CA TYR C 250 4.40 -5.00 21.24
C TYR C 250 4.36 -5.98 20.07
N TYR C 251 3.35 -6.84 20.07
CA TYR C 251 3.15 -7.75 18.96
C TYR C 251 2.07 -7.22 18.03
N HIS C 252 2.27 -7.47 16.74
CA HIS C 252 1.32 -7.00 15.74
C HIS C 252 -0.05 -7.58 16.02
N GLY C 253 -1.03 -6.72 16.21
CA GLY C 253 -2.38 -7.17 16.54
C GLY C 253 -2.71 -7.12 18.00
N GLU C 254 -1.81 -6.64 18.86
CA GLU C 254 -2.21 -6.49 20.25
C GLU C 254 -2.08 -5.04 20.69
N PRO C 255 -2.90 -4.62 21.65
CA PRO C 255 -3.08 -3.19 21.89
C PRO C 255 -1.83 -2.52 22.43
N ILE C 256 -1.75 -1.22 22.22
CA ILE C 256 -0.71 -0.36 22.77
C ILE C 256 -1.39 0.63 23.71
N SER C 257 -1.02 0.58 24.99
CA SER C 257 -1.66 1.38 26.03
C SER C 257 -0.67 2.41 26.54
N VAL C 258 -1.07 3.68 26.47
CA VAL C 258 -0.21 4.78 26.88
C VAL C 258 -0.88 5.50 28.04
N ASN C 259 -0.11 5.69 29.11
CA ASN C 259 -0.54 6.53 30.23
C ASN C 259 -0.04 7.94 29.99
N VAL C 260 -0.96 8.89 29.85
CA VAL C 260 -0.61 10.27 29.55
C VAL C 260 -1.15 11.16 30.66
N HIS C 261 -0.30 12.05 31.16
CA HIS C 261 -0.70 13.02 32.17
C HIS C 261 -0.33 14.41 31.70
N VAL C 262 -1.19 15.38 31.99
CA VAL C 262 -1.02 16.77 31.58
C VAL C 262 -1.23 17.63 32.82
N THR C 263 -0.47 18.73 32.92
CA THR C 263 -0.64 19.71 33.97
C THR C 263 -0.60 21.09 33.32
N ASN C 264 -1.75 21.75 33.31
CA ASN C 264 -1.91 23.05 32.65
C ASN C 264 -2.14 24.10 33.72
N ASN C 265 -1.21 25.04 33.83
CA ASN C 265 -1.36 26.17 34.73
C ASN C 265 -1.43 27.50 33.98
N THR C 266 -1.20 27.48 32.67
CA THR C 266 -1.25 28.69 31.86
C THR C 266 -2.68 29.20 31.76
N ASN C 267 -2.83 30.45 31.37
CA ASN C 267 -4.15 31.08 31.25
C ASN C 267 -5.05 30.39 30.23
N LYS C 268 -4.51 30.00 29.09
CA LYS C 268 -5.32 29.34 28.06
C LYS C 268 -5.65 27.90 28.50
N THR C 269 -6.41 27.23 27.64
CA THR C 269 -6.91 25.89 27.93
C THR C 269 -6.57 24.95 26.79
N VAL C 270 -6.24 23.71 27.12
CA VAL C 270 -6.00 22.68 26.12
C VAL C 270 -7.35 22.21 25.60
N LYS C 271 -7.52 22.20 24.28
CA LYS C 271 -8.83 21.96 23.70
C LYS C 271 -8.95 20.61 23.01
N LYS C 272 -7.94 20.17 22.27
CA LYS C 272 -8.10 18.97 21.46
C LYS C 272 -6.84 18.13 21.54
N ILE C 273 -7.01 16.82 21.34
CA ILE C 273 -5.94 15.84 21.49
C ILE C 273 -5.88 15.02 20.20
N LYS C 274 -4.69 14.94 19.60
CA LYS C 274 -4.44 14.08 18.45
C LYS C 274 -3.51 12.96 18.89
N ILE C 275 -3.90 11.71 18.66
CA ILE C 275 -3.05 10.58 18.98
C ILE C 275 -2.77 9.82 17.69
N SER C 276 -1.49 9.57 17.41
CA SER C 276 -1.13 8.99 16.13
C SER C 276 0.00 7.98 16.29
N VAL C 277 -0.33 6.72 16.09
CA VAL C 277 0.68 5.68 15.88
C VAL C 277 1.22 5.88 14.48
N ARG C 278 2.48 6.26 14.39
CA ARG C 278 3.11 6.66 13.14
C ARG C 278 4.35 5.82 12.90
N GLN C 279 4.90 5.93 11.70
CA GLN C 279 6.00 5.06 11.26
C GLN C 279 7.05 5.90 10.54
N TYR C 280 8.25 5.95 11.11
CA TYR C 280 9.41 6.53 10.43
C TYR C 280 10.03 5.44 9.57
N ALA C 281 9.95 5.62 8.26
CA ALA C 281 10.57 4.73 7.29
C ALA C 281 11.64 5.51 6.54
N ASP C 282 12.86 5.01 6.61
CA ASP C 282 14.00 5.65 5.97
C ASP C 282 14.35 4.92 4.68
N ILE C 283 14.40 5.67 3.59
CA ILE C 283 14.72 5.15 2.27
C ILE C 283 16.14 5.57 1.93
N CYS C 284 16.93 4.62 1.43
CA CYS C 284 18.33 4.86 1.13
C CYS C 284 18.72 4.29 -0.22
N LEU C 285 17.91 4.58 -1.24
CA LEU C 285 18.30 4.21 -2.61
C LEU C 285 19.51 5.02 -3.04
N PHE C 286 19.46 6.34 -2.87
CA PHE C 286 20.56 7.22 -3.19
C PHE C 286 21.15 7.89 -1.96
N ASN C 287 20.29 8.35 -1.04
CA ASN C 287 20.70 8.99 0.19
C ASN C 287 19.55 8.90 1.19
N THR C 288 19.62 9.67 2.27
CA THR C 288 18.54 9.66 3.25
C THR C 288 17.23 10.13 2.63
N ALA C 289 16.16 9.39 2.92
CA ALA C 289 14.81 9.76 2.50
C ALA C 289 13.84 9.22 3.53
N GLN C 290 13.49 10.07 4.50
CA GLN C 290 12.63 9.66 5.62
C GLN C 290 11.17 9.92 5.29
N TYR C 291 10.61 9.03 4.47
CA TYR C 291 9.23 9.19 4.04
C TYR C 291 8.27 8.83 5.17
N LYS C 292 7.24 9.64 5.31
CA LYS C 292 6.40 9.63 6.51
C LYS C 292 4.95 9.32 6.16
N CYS C 293 4.36 8.39 6.92
CA CYS C 293 2.94 8.07 6.89
C CYS C 293 2.53 7.48 8.23
N PRO C 294 1.59 8.11 8.92
CA PRO C 294 1.07 7.50 10.15
C PRO C 294 0.08 6.40 9.81
N VAL C 295 -0.09 5.47 10.76
CA VAL C 295 -0.89 4.27 10.53
C VAL C 295 -2.18 4.29 11.33
N ALA C 296 -2.14 4.84 12.55
CA ALA C 296 -3.32 4.86 13.40
C ALA C 296 -3.48 6.25 13.99
N MET C 297 -4.73 6.67 14.13
CA MET C 297 -5.01 7.97 14.73
C MET C 297 -6.28 7.86 15.55
N GLU C 298 -6.44 8.81 16.46
CA GLU C 298 -7.74 9.09 17.05
C GLU C 298 -7.74 10.53 17.56
N GLU C 299 -8.94 11.11 17.60
CA GLU C 299 -9.14 12.48 18.07
C GLU C 299 -9.88 12.42 19.41
N ALA C 300 -9.35 13.13 20.39
CA ALA C 300 -9.99 13.24 21.69
C ALA C 300 -10.45 14.68 21.92
N ASP C 301 -11.74 14.86 22.17
CA ASP C 301 -12.28 16.17 22.50
C ASP C 301 -12.16 16.43 23.99
N ASP C 302 -11.23 15.73 24.63
CA ASP C 302 -10.96 15.94 26.04
C ASP C 302 -10.37 17.34 26.23
N THR C 303 -10.32 17.80 27.48
CA THR C 303 -9.87 19.14 27.80
C THR C 303 -8.99 19.11 29.03
N VAL C 304 -7.87 19.83 28.96
CA VAL C 304 -7.02 20.08 30.12
C VAL C 304 -7.22 21.55 30.49
N ALA C 305 -7.95 21.78 31.57
CA ALA C 305 -8.28 23.14 31.98
C ALA C 305 -7.05 23.84 32.52
N PRO C 306 -7.07 25.17 32.56
CA PRO C 306 -5.99 25.90 33.25
C PRO C 306 -5.91 25.48 34.70
N SER C 307 -4.68 25.30 35.17
CA SER C 307 -4.40 24.79 36.53
C SER C 307 -5.18 23.50 36.79
N SER C 308 -5.07 22.55 35.87
CA SER C 308 -5.72 21.26 36.01
C SER C 308 -4.75 20.15 35.65
N THR C 309 -5.02 18.97 36.20
CA THR C 309 -4.27 17.76 35.90
C THR C 309 -5.17 16.75 35.21
N PHE C 310 -4.61 16.13 34.18
CA PHE C 310 -5.33 15.15 33.36
C PHE C 310 -4.54 13.85 33.36
N CYS C 311 -5.20 12.74 33.65
CA CYS C 311 -4.54 11.44 33.73
C CYS C 311 -5.41 10.42 33.00
N LYS C 312 -4.99 10.02 31.80
CA LYS C 312 -5.83 9.12 31.02
C LYS C 312 -4.97 8.08 30.32
N VAL C 313 -5.57 6.90 30.15
CA VAL C 313 -4.98 5.81 29.38
C VAL C 313 -5.60 5.83 28.00
N TYR C 314 -4.77 5.80 26.97
CA TYR C 314 -5.23 5.73 25.59
C TYR C 314 -4.78 4.42 24.96
N THR C 315 -5.68 3.79 24.22
CA THR C 315 -5.46 2.46 23.65
C THR C 315 -5.51 2.56 22.12
N LEU C 316 -4.40 2.25 21.48
CA LEU C 316 -4.32 2.26 20.03
C LEU C 316 -3.69 0.95 19.54
N THR C 317 -4.29 0.37 18.52
CA THR C 317 -3.85 -0.91 17.96
C THR C 317 -3.90 -0.86 16.45
N PRO C 318 -2.74 -0.86 15.77
CA PRO C 318 -2.73 -0.72 14.31
C PRO C 318 -3.35 -1.93 13.64
N PHE C 319 -3.88 -1.71 12.44
CA PHE C 319 -4.42 -2.79 11.62
C PHE C 319 -4.53 -2.29 10.19
N LEU C 320 -4.20 -3.17 9.23
CA LEU C 320 -4.12 -2.75 7.83
C LEU C 320 -5.44 -2.27 7.27
N ALA C 321 -6.57 -2.66 7.88
CA ALA C 321 -7.87 -2.39 7.28
C ALA C 321 -8.07 -0.90 7.01
N ASN C 322 -7.82 -0.06 8.00
CA ASN C 322 -7.95 1.38 7.83
C ASN C 322 -6.69 2.00 7.26
N ASN C 323 -5.84 1.19 6.61
CA ASN C 323 -4.62 1.72 6.04
C ASN C 323 -4.37 1.19 4.62
N ARG C 324 -5.31 0.43 4.06
CA ARG C 324 -5.19 0.01 2.68
C ARG C 324 -5.13 1.20 1.74
N GLU C 325 -5.92 2.24 2.01
CA GLU C 325 -5.92 3.46 1.22
C GLU C 325 -4.59 4.19 1.21
N LYS C 326 -3.80 4.08 2.28
CA LYS C 326 -2.50 4.77 2.35
C LYS C 326 -1.53 4.03 1.44
N ARG C 327 -1.61 4.36 0.15
CA ARG C 327 -0.82 3.68 -0.85
C ARG C 327 0.66 3.80 -0.55
N GLY C 328 1.40 2.73 -0.78
CA GLY C 328 2.82 2.69 -0.53
C GLY C 328 3.22 2.51 0.91
N LEU C 329 2.26 2.28 1.81
CA LEU C 329 2.61 2.03 3.19
C LEU C 329 3.47 0.78 3.31
N ALA C 330 4.55 0.88 4.08
CA ALA C 330 5.48 -0.23 4.24
C ALA C 330 4.77 -1.40 4.89
N LEU C 331 5.09 -2.61 4.44
CA LEU C 331 4.57 -3.84 5.00
C LEU C 331 5.71 -4.84 5.08
N ASP C 332 5.47 -5.94 5.79
CA ASP C 332 6.51 -6.96 5.88
C ASP C 332 6.64 -7.71 4.56
N GLY C 333 7.56 -8.66 4.52
CA GLY C 333 7.84 -9.40 3.29
C GLY C 333 6.67 -10.21 2.79
N LYS C 334 6.61 -10.41 1.48
CA LYS C 334 5.54 -11.16 0.83
C LYS C 334 6.15 -12.23 -0.06
N LEU C 335 5.42 -13.33 -0.26
CA LEU C 335 5.91 -14.34 -1.19
C LEU C 335 5.77 -13.88 -2.62
N LYS C 336 4.54 -13.75 -3.11
CA LYS C 336 4.34 -13.06 -4.38
C LYS C 336 3.37 -11.89 -4.21
N HIS C 337 2.18 -12.17 -3.71
CA HIS C 337 1.22 -11.10 -3.48
C HIS C 337 0.32 -11.35 -2.27
N GLU C 338 0.53 -12.42 -1.50
CA GLU C 338 -0.32 -12.69 -0.37
C GLU C 338 -0.27 -11.57 0.65
N ASP C 339 -1.45 -11.18 1.13
CA ASP C 339 -1.54 -10.05 2.04
C ASP C 339 -0.84 -10.39 3.35
N THR C 340 0.33 -9.78 3.56
CA THR C 340 1.11 -10.00 4.76
C THR C 340 0.56 -9.13 5.88
N ASN C 341 1.32 -9.04 6.96
CA ASN C 341 0.97 -8.11 8.02
C ASN C 341 1.66 -6.76 7.80
N LEU C 342 1.56 -5.90 8.80
CA LEU C 342 2.23 -4.61 8.74
C LEU C 342 3.74 -4.82 8.81
N ALA C 343 4.48 -3.81 8.38
CA ALA C 343 5.94 -3.89 8.42
C ALA C 343 6.43 -4.08 9.85
N SER C 344 7.38 -5.00 10.03
CA SER C 344 7.95 -5.22 11.34
C SER C 344 9.01 -4.16 11.63
N SER C 345 9.28 -3.95 12.92
CA SER C 345 10.31 -3.01 13.32
C SER C 345 11.68 -3.53 12.92
N THR C 346 12.30 -2.85 11.96
CA THR C 346 13.66 -3.21 11.59
C THR C 346 14.59 -3.06 12.78
N LEU C 347 15.41 -4.09 12.99
CA LEU C 347 16.41 -4.07 14.04
C LEU C 347 17.78 -4.19 13.39
N LEU C 348 18.66 -3.24 13.69
CA LEU C 348 20.00 -3.18 13.10
C LEU C 348 21.03 -3.33 14.21
N ARG C 349 22.20 -3.84 13.84
CA ARG C 349 23.27 -3.91 14.82
C ARG C 349 23.84 -2.53 15.10
N GLU C 350 23.99 -2.22 16.38
CA GLU C 350 24.39 -0.87 16.78
C GLU C 350 25.77 -0.52 16.28
N GLY C 351 26.59 -1.53 15.96
CA GLY C 351 27.92 -1.27 15.45
C GLY C 351 27.90 -0.48 14.15
N ALA C 352 26.99 -0.83 13.24
CA ALA C 352 26.84 -0.06 12.02
C ALA C 352 26.30 1.34 12.33
N ASN C 353 26.66 2.31 11.51
CA ASN C 353 26.22 3.68 11.71
C ASN C 353 24.89 3.98 11.04
N ARG C 354 24.07 2.96 10.77
CA ARG C 354 22.70 3.17 10.30
C ARG C 354 22.70 3.84 8.95
N GLU C 355 23.68 3.48 8.11
CA GLU C 355 23.78 3.95 6.74
C GLU C 355 23.30 2.91 5.74
N ILE C 356 22.67 1.84 6.21
CA ILE C 356 22.34 0.72 5.34
C ILE C 356 21.45 1.19 4.19
N LEU C 357 21.75 0.71 2.99
CA LEU C 357 21.15 1.22 1.76
C LEU C 357 19.77 0.58 1.59
N GLY C 358 18.97 0.66 2.64
CA GLY C 358 17.68 0.00 2.62
C GLY C 358 16.71 0.67 3.57
N ILE C 359 15.45 0.22 3.48
CA ILE C 359 14.40 0.83 4.27
C ILE C 359 14.58 0.47 5.74
N ILE C 360 14.57 1.49 6.59
CA ILE C 360 14.66 1.30 8.02
C ILE C 360 13.29 1.64 8.60
N VAL C 361 12.72 0.71 9.34
CA VAL C 361 11.33 0.81 9.79
C VAL C 361 11.31 0.91 11.30
N SER C 362 10.77 2.01 11.81
CA SER C 362 10.65 2.17 13.26
C SER C 362 9.31 2.83 13.57
N TYR C 363 8.64 2.31 14.59
CA TYR C 363 7.29 2.76 14.92
C TYR C 363 7.30 3.61 16.18
N LYS C 364 6.54 4.70 16.12
CA LYS C 364 6.46 5.69 17.19
C LYS C 364 5.00 6.03 17.48
N VAL C 365 4.77 6.71 18.59
CA VAL C 365 3.46 7.22 18.95
C VAL C 365 3.59 8.70 19.25
N LYS C 366 2.71 9.51 18.66
CA LYS C 366 2.76 10.95 18.75
C LYS C 366 1.49 11.47 19.45
N VAL C 367 1.69 12.32 20.44
CA VAL C 367 0.60 12.93 21.20
C VAL C 367 0.69 14.44 20.97
N LYS C 368 -0.37 15.02 20.41
CA LYS C 368 -0.40 16.44 20.10
C LYS C 368 -1.55 17.09 20.86
N LEU C 369 -1.25 18.16 21.58
CA LEU C 369 -2.25 18.94 22.28
C LEU C 369 -2.43 20.28 21.58
N VAL C 370 -3.66 20.73 21.48
CA VAL C 370 -3.99 22.00 20.82
C VAL C 370 -4.55 22.96 21.87
N VAL C 371 -4.07 24.20 21.84
CA VAL C 371 -4.41 25.21 22.83
C VAL C 371 -5.26 26.29 22.15
N SER C 372 -6.07 27.00 22.94
CA SER C 372 -6.99 27.98 22.42
C SER C 372 -6.27 29.11 21.70
N ARG C 373 -6.95 29.66 20.68
CA ARG C 373 -6.42 30.77 19.91
C ARG C 373 -7.06 32.10 20.32
N SER C 382 2.27 30.59 18.27
CA SER C 382 2.21 29.14 18.12
C SER C 382 1.67 28.49 19.38
N SER C 383 0.81 27.49 19.21
CA SER C 383 0.15 26.85 20.33
C SER C 383 0.23 25.32 20.31
N ASP C 384 0.37 24.71 19.14
CA ASP C 384 0.38 23.25 19.05
C ASP C 384 1.60 22.67 19.76
N VAL C 385 1.40 21.56 20.47
CA VAL C 385 2.49 20.93 21.20
C VAL C 385 2.49 19.44 20.85
N ALA C 386 3.68 18.86 20.66
CA ALA C 386 3.81 17.45 20.34
C ALA C 386 4.84 16.78 21.25
N VAL C 387 4.53 15.55 21.66
CA VAL C 387 5.48 14.77 22.45
C VAL C 387 5.59 13.43 21.75
N GLU C 388 6.68 12.69 21.96
CA GLU C 388 6.85 11.44 21.21
C GLU C 388 7.42 10.28 22.00
N LEU C 389 6.98 9.06 21.66
CA LEU C 389 7.52 7.88 22.32
C LEU C 389 7.63 6.73 21.33
N PRO C 390 8.87 6.27 21.07
CA PRO C 390 9.08 5.16 20.14
C PRO C 390 8.83 3.81 20.79
N PHE C 391 8.50 2.80 19.99
CA PHE C 391 8.28 1.47 20.52
C PHE C 391 8.68 0.39 19.52
N THR C 392 9.27 -0.69 20.01
CA THR C 392 9.66 -1.78 19.12
C THR C 392 8.41 -2.53 18.69
N LEU C 393 8.43 -3.08 17.49
CA LEU C 393 7.24 -3.74 16.97
C LEU C 393 7.65 -4.93 16.11
N MET C 394 7.70 -6.11 16.73
CA MET C 394 8.02 -7.32 16.00
C MET C 394 7.13 -8.45 16.48
N HIS C 395 7.19 -9.56 15.76
CA HIS C 395 6.36 -10.73 16.00
C HIS C 395 6.79 -11.46 17.26
N PRO C 396 5.96 -12.33 17.81
CA PRO C 396 6.40 -13.19 18.92
C PRO C 396 7.47 -14.16 18.46
N LYS C 397 7.95 -14.95 19.41
CA LYS C 397 9.02 -15.88 19.15
C LYS C 397 8.62 -16.86 18.05
N PRO C 398 9.40 -17.00 17.00
CA PRO C 398 9.03 -17.92 15.92
C PRO C 398 9.14 -19.37 16.38
N LYS C 399 8.33 -20.23 15.78
CA LYS C 399 8.46 -21.66 16.01
C LYS C 399 8.36 -22.45 14.71
N GLU C 400 7.76 -21.87 13.67
CA GLU C 400 7.44 -22.63 12.48
C GLU C 400 7.62 -21.74 11.25
N GLU C 401 7.14 -22.23 10.11
CA GLU C 401 7.19 -21.53 8.85
C GLU C 401 6.09 -20.47 8.80
N PRO C 402 5.99 -19.72 7.70
CA PRO C 402 4.80 -18.87 7.48
C PRO C 402 3.74 -19.55 6.64
N PRO C 403 2.89 -20.41 7.23
CA PRO C 403 1.81 -21.01 6.40
C PRO C 403 0.66 -20.04 6.14
N HIS C 404 0.82 -19.17 5.16
CA HIS C 404 -0.26 -18.25 4.79
C HIS C 404 -1.44 -19.05 4.25
N ARG C 405 -2.64 -18.56 4.53
CA ARG C 405 -3.86 -19.32 4.29
C ARG C 405 -4.64 -18.71 3.12
N GLU C 406 -5.02 -19.55 2.16
CA GLU C 406 -5.72 -19.11 0.97
C GLU C 406 -6.45 -20.30 0.36
N VAL C 407 -7.39 -20.00 -0.53
CA VAL C 407 -8.17 -21.01 -1.25
C VAL C 407 -7.24 -21.83 -2.14
N PRO C 408 -7.60 -23.08 -2.49
CA PRO C 408 -6.77 -23.90 -3.37
C PRO C 408 -6.96 -23.54 -4.84
N GLY D 3 -14.33 -30.34 -6.78
CA GLY D 3 -14.92 -30.57 -5.48
C GLY D 3 -14.03 -30.11 -4.34
N ASP D 4 -14.64 -29.87 -3.18
CA ASP D 4 -13.86 -29.40 -2.03
C ASP D 4 -13.10 -30.57 -1.39
N ILE D 5 -12.08 -30.23 -0.63
CA ILE D 5 -11.21 -31.22 0.00
C ILE D 5 -11.97 -31.92 1.11
N GLN D 6 -11.91 -33.25 1.13
CA GLN D 6 -12.53 -34.04 2.18
C GLN D 6 -11.46 -34.75 3.00
N MET D 7 -11.76 -34.99 4.27
CA MET D 7 -10.96 -35.86 5.12
C MET D 7 -11.86 -37.05 5.46
N THR D 8 -11.24 -38.18 5.75
CA THR D 8 -12.00 -39.36 6.16
C THR D 8 -11.40 -39.96 7.41
N GLN D 9 -12.26 -40.31 8.36
CA GLN D 9 -11.85 -40.90 9.62
C GLN D 9 -12.23 -42.38 9.61
N SER D 10 -11.22 -43.25 9.50
CA SER D 10 -11.50 -44.68 9.45
C SER D 10 -11.80 -45.27 10.82
N PRO D 11 -10.94 -45.11 11.85
CA PRO D 11 -11.18 -45.82 13.12
C PRO D 11 -12.32 -45.21 13.95
N SER D 12 -13.53 -45.25 13.38
CA SER D 12 -14.68 -44.71 14.08
C SER D 12 -14.99 -45.50 15.35
N SER D 13 -14.84 -46.82 15.29
CA SER D 13 -15.26 -47.70 16.38
C SER D 13 -14.04 -48.25 17.11
N LEU D 14 -14.04 -48.11 18.43
CA LEU D 14 -12.98 -48.63 19.30
C LEU D 14 -13.45 -48.52 20.74
N SER D 15 -13.21 -49.58 21.52
CA SER D 15 -13.68 -49.62 22.89
C SER D 15 -12.88 -50.64 23.67
N ALA D 16 -13.07 -50.61 24.99
CA ALA D 16 -12.47 -51.57 25.91
C ALA D 16 -10.94 -51.59 25.79
N SER D 17 -10.37 -50.39 25.69
CA SER D 17 -8.93 -50.22 25.58
C SER D 17 -8.42 -49.44 26.79
N VAL D 18 -7.52 -50.05 27.55
CA VAL D 18 -6.96 -49.44 28.76
C VAL D 18 -5.45 -49.57 28.71
N GLY D 19 -4.76 -48.43 28.72
CA GLY D 19 -3.31 -48.40 28.76
C GLY D 19 -2.64 -49.16 27.63
N ASP D 20 -3.17 -49.03 26.42
CA ASP D 20 -2.69 -49.81 25.29
C ASP D 20 -2.51 -48.90 24.09
N ARG D 21 -1.83 -49.42 23.08
CA ARG D 21 -1.62 -48.68 21.84
C ARG D 21 -2.95 -48.44 21.15
N VAL D 22 -3.25 -47.17 20.91
CA VAL D 22 -4.46 -46.74 20.23
C VAL D 22 -4.04 -46.01 18.97
N THR D 23 -4.52 -46.48 17.82
CA THR D 23 -4.11 -45.97 16.51
C THR D 23 -5.31 -45.38 15.80
N ILE D 24 -5.15 -44.16 15.28
CA ILE D 24 -6.20 -43.47 14.55
C ILE D 24 -5.62 -43.00 13.23
N THR D 25 -6.37 -43.16 12.15
CA THR D 25 -5.92 -42.66 10.86
C THR D 25 -6.92 -41.67 10.27
N CYS D 26 -6.39 -40.61 9.69
CA CYS D 26 -7.20 -39.67 8.93
C CYS D 26 -6.61 -39.58 7.53
N ARG D 27 -7.47 -39.73 6.52
CA ARG D 27 -7.03 -39.80 5.14
C ARG D 27 -7.49 -38.55 4.40
N ALA D 28 -6.56 -37.86 3.76
CA ALA D 28 -6.86 -36.62 3.07
C ALA D 28 -7.14 -36.87 1.59
N SER D 29 -8.27 -36.34 1.13
CA SER D 29 -8.69 -36.59 -0.25
C SER D 29 -7.82 -35.89 -1.28
N GLN D 30 -6.92 -35.02 -0.85
CA GLN D 30 -6.11 -34.25 -1.77
C GLN D 30 -4.82 -33.87 -1.08
N SER D 31 -3.85 -33.40 -1.86
CA SER D 31 -2.58 -32.95 -1.30
C SER D 31 -2.82 -31.72 -0.43
N VAL D 32 -2.47 -31.84 0.86
CA VAL D 32 -2.73 -30.79 1.83
C VAL D 32 -1.47 -30.41 2.61
N SER D 33 -0.34 -31.03 2.28
CA SER D 33 0.95 -30.74 2.93
C SER D 33 0.79 -31.02 4.42
N SER D 34 1.01 -30.06 5.32
CA SER D 34 1.11 -30.32 6.74
C SER D 34 0.10 -29.52 7.57
N ALA D 35 -0.70 -28.67 6.95
CA ALA D 35 -1.59 -27.80 7.72
C ALA D 35 -2.79 -28.58 8.26
N VAL D 36 -2.53 -29.56 9.11
CA VAL D 36 -3.57 -30.45 9.62
C VAL D 36 -3.49 -30.46 11.14
N ALA D 37 -4.64 -30.59 11.80
CA ALA D 37 -4.76 -30.52 13.24
C ALA D 37 -5.76 -31.54 13.77
N TRP D 38 -5.59 -31.88 15.03
CA TRP D 38 -6.45 -32.82 15.73
C TRP D 38 -7.01 -32.17 16.98
N TYR D 39 -8.33 -32.28 17.13
CA TYR D 39 -9.10 -31.67 18.20
C TYR D 39 -9.71 -32.75 19.10
N GLN D 40 -9.71 -32.47 20.40
CA GLN D 40 -10.32 -33.33 21.41
C GLN D 40 -11.58 -32.65 21.93
N GLN D 41 -12.72 -33.31 21.84
CA GLN D 41 -13.94 -32.82 22.45
C GLN D 41 -14.50 -33.89 23.37
N LYS D 42 -14.58 -33.59 24.65
CA LYS D 42 -15.23 -34.48 25.58
C LYS D 42 -16.73 -34.57 25.26
N PRO D 43 -17.36 -35.71 25.51
CA PRO D 43 -18.79 -35.84 25.23
C PRO D 43 -19.59 -34.79 26.01
N GLY D 44 -20.34 -33.97 25.28
CA GLY D 44 -21.10 -32.90 25.87
C GLY D 44 -20.30 -31.69 26.27
N LYS D 45 -19.04 -31.58 25.86
CA LYS D 45 -18.18 -30.48 26.24
C LYS D 45 -17.65 -29.78 24.99
N ALA D 46 -16.72 -28.85 25.22
CA ALA D 46 -16.12 -28.09 24.14
C ALA D 46 -14.89 -28.82 23.58
N PRO D 47 -14.57 -28.59 22.31
CA PRO D 47 -13.34 -29.17 21.75
C PRO D 47 -12.10 -28.59 22.42
N LYS D 48 -11.05 -29.40 22.49
CA LYS D 48 -9.78 -29.02 23.08
C LYS D 48 -8.66 -29.38 22.11
N LEU D 49 -7.71 -28.48 21.97
CA LEU D 49 -6.68 -28.60 20.94
C LEU D 49 -5.65 -29.67 21.31
N LEU D 50 -5.55 -30.71 20.48
CA LEU D 50 -4.56 -31.75 20.66
C LEU D 50 -3.29 -31.51 19.87
N ILE D 51 -3.37 -31.49 18.54
CA ILE D 51 -2.18 -31.37 17.72
C ILE D 51 -2.44 -30.36 16.62
N TYR D 52 -1.37 -29.74 16.13
CA TYR D 52 -1.40 -28.94 14.92
C TYR D 52 -0.16 -29.28 14.11
N SER D 53 -0.31 -29.26 12.80
CA SER D 53 0.76 -29.58 11.85
C SER D 53 1.19 -31.04 11.96
N ALA D 54 0.43 -31.81 12.74
CA ALA D 54 0.63 -33.25 12.90
C ALA D 54 1.99 -33.60 13.47
N SER D 55 2.77 -32.59 13.85
CA SER D 55 4.08 -32.79 14.42
C SER D 55 4.34 -31.90 15.62
N SER D 56 3.48 -30.92 15.87
CA SER D 56 3.71 -29.94 16.92
C SER D 56 2.70 -30.16 18.05
N LEU D 57 3.16 -30.73 19.15
CA LEU D 57 2.32 -30.86 20.32
C LEU D 57 1.88 -29.49 20.80
N TYR D 58 0.60 -29.37 21.16
CA TYR D 58 0.12 -28.12 21.70
C TYR D 58 0.59 -27.95 23.15
N SER D 59 0.62 -26.70 23.60
CA SER D 59 0.95 -26.43 25.00
C SER D 59 -0.12 -27.04 25.89
N GLY D 60 0.32 -27.61 27.01
CA GLY D 60 -0.58 -28.24 27.96
C GLY D 60 -1.13 -29.58 27.52
N VAL D 61 -0.45 -30.29 26.64
CA VAL D 61 -0.91 -31.60 26.18
C VAL D 61 0.08 -32.67 26.65
N PRO D 62 -0.40 -33.81 27.16
CA PRO D 62 0.52 -34.89 27.52
C PRO D 62 1.34 -35.35 26.33
N SER D 63 2.63 -35.59 26.57
CA SER D 63 3.52 -36.04 25.51
C SER D 63 3.21 -37.45 25.05
N ARG D 64 2.41 -38.20 25.81
CA ARG D 64 2.03 -39.55 25.41
C ARG D 64 1.18 -39.57 24.15
N PHE D 65 0.40 -38.52 23.89
CA PHE D 65 -0.28 -38.37 22.62
C PHE D 65 0.77 -38.03 21.56
N SER D 66 0.61 -38.59 20.36
CA SER D 66 1.53 -38.25 19.29
C SER D 66 0.82 -38.35 17.95
N GLY D 67 1.40 -37.68 16.95
CA GLY D 67 0.85 -37.69 15.60
C GLY D 67 1.96 -37.61 14.58
N SER D 68 1.64 -38.03 13.35
CA SER D 68 2.60 -37.97 12.27
C SER D 68 1.88 -37.89 10.94
N ARG D 69 2.61 -37.46 9.92
CA ARG D 69 2.10 -37.34 8.56
C ARG D 69 2.81 -38.33 7.66
N SER D 70 2.05 -39.07 6.86
CA SER D 70 2.58 -39.92 5.81
C SER D 70 1.81 -39.57 4.55
N GLY D 71 2.37 -38.68 3.74
CA GLY D 71 1.64 -38.17 2.60
C GLY D 71 0.38 -37.49 3.08
N THR D 72 -0.75 -37.87 2.48
CA THR D 72 -2.05 -37.35 2.86
C THR D 72 -2.71 -38.16 3.97
N ASP D 73 -2.03 -39.17 4.49
CA ASP D 73 -2.53 -39.95 5.62
C ASP D 73 -1.91 -39.40 6.89
N PHE D 74 -2.60 -39.59 8.02
CA PHE D 74 -2.18 -38.94 9.25
C PHE D 74 -2.48 -39.86 10.43
N THR D 75 -1.46 -40.12 11.23
CA THR D 75 -1.47 -41.19 12.23
C THR D 75 -1.44 -40.62 13.63
N LEU D 76 -2.46 -40.98 14.42
CA LEU D 76 -2.59 -40.60 15.83
C LEU D 76 -2.25 -41.82 16.68
N THR D 77 -1.31 -41.63 17.60
CA THR D 77 -0.74 -42.72 18.38
C THR D 77 -0.90 -42.44 19.87
N ILE D 78 -1.38 -43.46 20.58
CA ILE D 78 -1.54 -43.44 22.03
C ILE D 78 -0.80 -44.64 22.60
N SER D 79 0.26 -44.39 23.36
CA SER D 79 1.00 -45.48 23.98
C SER D 79 0.15 -46.18 25.04
N SER D 80 -0.43 -45.41 25.95
CA SER D 80 -1.27 -45.95 27.03
C SER D 80 -2.53 -45.12 27.16
N LEU D 81 -3.67 -45.73 26.83
CA LEU D 81 -4.95 -45.04 26.95
C LEU D 81 -5.31 -44.82 28.41
N GLN D 82 -6.02 -43.72 28.69
CA GLN D 82 -6.46 -43.31 30.02
C GLN D 82 -7.96 -43.09 30.05
N PRO D 83 -8.59 -43.19 31.23
CA PRO D 83 -10.05 -43.05 31.29
C PRO D 83 -10.57 -41.71 30.82
N GLU D 84 -9.82 -40.63 31.02
CA GLU D 84 -10.25 -39.31 30.59
C GLU D 84 -10.14 -39.10 29.09
N ASP D 85 -9.49 -40.02 28.37
CA ASP D 85 -9.29 -39.89 26.93
C ASP D 85 -10.40 -40.56 26.12
N PHE D 86 -11.39 -41.17 26.79
CA PHE D 86 -12.55 -41.74 26.11
C PHE D 86 -13.47 -40.61 25.69
N ALA D 87 -13.18 -39.98 24.55
CA ALA D 87 -13.98 -38.87 24.05
C ALA D 87 -13.94 -38.82 22.54
N THR D 88 -14.33 -37.69 21.97
CA THR D 88 -14.48 -37.54 20.52
C THR D 88 -13.24 -36.87 19.94
N TYR D 89 -12.76 -37.38 18.81
CA TYR D 89 -11.52 -36.93 18.20
C TYR D 89 -11.82 -36.48 16.78
N TYR D 90 -11.18 -35.39 16.35
CA TYR D 90 -11.40 -34.81 15.03
C TYR D 90 -10.09 -34.52 14.32
N CYS D 91 -10.06 -34.78 13.02
CA CYS D 91 -8.98 -34.38 12.14
C CYS D 91 -9.47 -33.34 11.15
N GLN D 92 -8.60 -32.36 10.85
CA GLN D 92 -9.02 -31.27 9.98
C GLN D 92 -7.82 -30.55 9.38
N GLN D 93 -7.86 -30.35 8.07
CA GLN D 93 -6.86 -29.54 7.38
C GLN D 93 -7.15 -28.06 7.61
N TYR D 94 -6.12 -27.24 7.64
CA TYR D 94 -6.33 -25.81 7.72
C TYR D 94 -5.46 -25.04 6.74
N LYS D 95 -5.40 -25.48 5.48
CA LYS D 95 -4.65 -24.73 4.49
C LYS D 95 -5.55 -24.09 3.43
N TYR D 96 -6.77 -24.61 3.24
CA TYR D 96 -7.70 -24.05 2.28
C TYR D 96 -9.05 -23.82 2.93
N VAL D 97 -9.52 -22.57 2.87
CA VAL D 97 -10.90 -22.26 3.23
C VAL D 97 -11.77 -22.75 2.09
N PRO D 98 -12.90 -23.41 2.36
CA PRO D 98 -13.41 -23.75 3.69
C PRO D 98 -12.65 -24.90 4.33
N VAL D 99 -12.50 -24.85 5.65
CA VAL D 99 -11.94 -25.98 6.37
C VAL D 99 -13.07 -26.73 7.06
N THR D 100 -12.95 -28.05 7.09
CA THR D 100 -14.02 -28.90 7.61
C THR D 100 -13.43 -29.96 8.52
N PHE D 101 -14.22 -30.35 9.52
CA PHE D 101 -13.86 -31.44 10.42
C PHE D 101 -14.43 -32.72 9.83
N GLY D 102 -13.78 -33.84 10.10
CA GLY D 102 -14.42 -35.11 9.85
C GLY D 102 -15.38 -35.48 10.96
N CYS D 103 -16.24 -36.46 10.69
CA CYS D 103 -17.10 -36.96 11.74
C CYS D 103 -16.24 -37.49 12.88
N GLY D 104 -16.53 -37.03 14.09
CA GLY D 104 -15.64 -37.21 15.21
C GLY D 104 -15.33 -38.66 15.55
N THR D 105 -14.11 -38.90 16.01
CA THR D 105 -13.70 -40.24 16.41
C THR D 105 -13.97 -40.39 17.90
N LYS D 106 -14.98 -41.19 18.25
CA LYS D 106 -15.38 -41.35 19.63
C LYS D 106 -14.79 -42.64 20.19
N VAL D 107 -14.09 -42.53 21.31
CA VAL D 107 -13.58 -43.70 22.03
C VAL D 107 -14.48 -43.97 23.21
N GLU D 108 -14.99 -45.20 23.29
CA GLU D 108 -16.06 -45.54 24.22
C GLU D 108 -15.55 -46.54 25.26
N ILE D 109 -16.04 -46.37 26.49
CA ILE D 109 -15.78 -47.31 27.58
C ILE D 109 -17.09 -47.54 28.33
N LYS D 110 -17.16 -48.65 29.05
CA LYS D 110 -18.34 -48.99 29.82
C LYS D 110 -18.32 -48.32 31.19
N VAL D 128 -9.15 -17.74 29.85
CA VAL D 128 -9.88 -17.63 28.58
C VAL D 128 -11.38 -17.71 28.81
N GLN D 129 -12.11 -16.76 28.21
CA GLN D 129 -13.56 -16.76 28.33
C GLN D 129 -14.16 -16.55 26.96
N LEU D 130 -15.08 -17.43 26.57
CA LEU D 130 -15.81 -17.33 25.32
C LEU D 130 -17.27 -17.67 25.58
N VAL D 131 -18.07 -16.66 25.90
CA VAL D 131 -19.47 -16.86 26.24
C VAL D 131 -20.30 -16.69 24.97
N GLU D 132 -21.29 -17.55 24.80
CA GLU D 132 -22.13 -17.53 23.61
C GLU D 132 -23.59 -17.47 24.02
N SER D 133 -24.40 -16.82 23.19
CA SER D 133 -25.81 -16.62 23.51
C SER D 133 -26.57 -16.35 22.21
N GLY D 134 -27.89 -16.46 22.30
CA GLY D 134 -28.75 -16.08 21.20
C GLY D 134 -29.58 -17.20 20.60
N GLY D 135 -29.15 -18.45 20.72
CA GLY D 135 -29.80 -19.55 20.04
C GLY D 135 -31.10 -20.00 20.70
N GLY D 136 -31.62 -21.11 20.20
CA GLY D 136 -32.87 -21.65 20.70
C GLY D 136 -33.69 -22.22 19.56
N LEU D 137 -35.01 -22.15 19.73
CA LEU D 137 -35.96 -22.66 18.75
C LEU D 137 -36.41 -21.55 17.80
N VAL D 138 -36.64 -21.93 16.55
CA VAL D 138 -37.09 -20.97 15.55
C VAL D 138 -37.78 -21.71 14.42
N GLN D 139 -38.71 -21.02 13.76
CA GLN D 139 -39.37 -21.56 12.59
C GLN D 139 -38.44 -21.47 11.38
N PRO D 140 -38.64 -22.34 10.38
CA PRO D 140 -37.86 -22.22 9.14
C PRO D 140 -38.23 -20.97 8.37
N GLY D 141 -37.29 -20.47 7.59
CA GLY D 141 -37.50 -19.29 6.78
C GLY D 141 -37.34 -17.98 7.50
N GLY D 142 -36.60 -17.95 8.62
CA GLY D 142 -36.46 -16.75 9.40
C GLY D 142 -35.01 -16.37 9.64
N SER D 143 -34.84 -15.34 10.48
CA SER D 143 -33.53 -14.85 10.91
C SER D 143 -33.45 -15.01 12.42
N LEU D 144 -32.24 -15.27 12.93
CA LEU D 144 -32.06 -15.35 14.37
C LEU D 144 -30.65 -14.89 14.73
N ARG D 145 -30.47 -14.58 16.01
CA ARG D 145 -29.34 -13.81 16.51
C ARG D 145 -28.47 -14.70 17.39
N LEU D 146 -27.15 -14.63 17.21
CA LEU D 146 -26.19 -15.15 18.18
C LEU D 146 -25.02 -14.21 18.39
N SER D 147 -24.31 -14.42 19.49
CA SER D 147 -23.15 -13.61 19.84
C SER D 147 -22.19 -14.40 20.72
N CYS D 148 -20.89 -14.09 20.55
CA CYS D 148 -19.79 -14.65 21.33
C CYS D 148 -18.97 -13.51 21.91
N ALA D 149 -19.09 -13.29 23.21
CA ALA D 149 -18.22 -12.34 23.88
C ALA D 149 -16.96 -13.07 24.31
N ALA D 150 -15.80 -12.52 23.93
CA ALA D 150 -14.52 -13.09 24.25
C ALA D 150 -13.77 -12.19 25.23
N SER D 151 -13.12 -12.82 26.20
CA SER D 151 -12.41 -12.09 27.23
C SER D 151 -11.18 -12.87 27.64
N GLY D 152 -10.16 -12.15 28.12
CA GLY D 152 -8.90 -12.74 28.51
C GLY D 152 -7.81 -12.57 27.48
N PHE D 153 -8.16 -12.25 26.24
CA PHE D 153 -7.19 -12.05 25.17
C PHE D 153 -7.63 -10.86 24.32
N ASN D 154 -6.97 -10.71 23.17
CA ASN D 154 -7.13 -9.53 22.34
C ASN D 154 -7.74 -9.92 21.00
N VAL D 155 -8.79 -9.21 20.60
CA VAL D 155 -9.54 -9.59 19.40
C VAL D 155 -8.73 -9.35 18.14
N TYR D 156 -8.04 -8.22 18.05
CA TYR D 156 -7.22 -7.94 16.87
C TYR D 156 -6.09 -8.93 16.68
N SER D 157 -5.73 -9.67 17.72
CA SER D 157 -4.64 -10.65 17.65
C SER D 157 -5.10 -12.01 17.17
N SER D 158 -6.35 -12.16 16.77
CA SER D 158 -6.89 -13.45 16.40
C SER D 158 -8.00 -13.29 15.37
N SER D 159 -8.34 -14.40 14.72
CA SER D 159 -9.55 -14.49 13.91
C SER D 159 -10.62 -15.22 14.72
N ILE D 160 -11.88 -15.07 14.31
CA ILE D 160 -12.99 -15.62 15.07
C ILE D 160 -13.82 -16.50 14.15
N HIS D 161 -14.25 -17.66 14.64
CA HIS D 161 -14.86 -18.65 13.80
C HIS D 161 -16.09 -19.27 14.45
N TRP D 162 -16.98 -19.75 13.58
CA TRP D 162 -18.24 -20.37 13.94
C TRP D 162 -18.27 -21.77 13.34
N VAL D 163 -18.45 -22.76 14.21
CA VAL D 163 -18.61 -24.16 13.80
C VAL D 163 -19.99 -24.58 14.32
N ARG D 164 -20.54 -25.65 13.75
CA ARG D 164 -21.86 -26.10 14.14
C ARG D 164 -21.86 -27.61 14.33
N GLN D 165 -22.59 -28.07 15.36
CA GLN D 165 -22.67 -29.48 15.74
C GLN D 165 -24.01 -30.06 15.31
N ALA D 166 -24.01 -30.74 14.17
CA ALA D 166 -25.19 -31.49 13.77
C ALA D 166 -24.99 -32.97 14.12
N PRO D 167 -25.85 -33.51 15.01
CA PRO D 167 -25.68 -34.91 15.42
C PRO D 167 -25.78 -35.87 14.24
N GLY D 168 -24.95 -36.89 14.23
CA GLY D 168 -24.92 -37.80 13.10
C GLY D 168 -24.35 -37.19 11.84
N LYS D 169 -23.67 -36.04 11.98
CA LYS D 169 -23.06 -35.35 10.85
C LYS D 169 -21.65 -34.94 11.22
N CYS D 170 -20.77 -34.96 10.22
CA CYS D 170 -19.43 -34.44 10.40
C CYS D 170 -19.48 -32.96 10.76
N LEU D 171 -18.62 -32.58 11.71
CA LEU D 171 -18.54 -31.18 12.10
C LEU D 171 -18.03 -30.34 10.95
N GLU D 172 -18.63 -29.16 10.77
CA GLU D 172 -18.23 -28.25 9.70
C GLU D 172 -18.05 -26.85 10.25
N TRP D 173 -16.91 -26.24 9.94
CA TRP D 173 -16.76 -24.81 10.14
C TRP D 173 -17.70 -24.08 9.20
N VAL D 174 -18.33 -23.01 9.68
CA VAL D 174 -19.27 -22.33 8.82
C VAL D 174 -18.88 -20.87 8.61
N ALA D 175 -18.21 -20.27 9.60
CA ALA D 175 -17.98 -18.83 9.49
C ALA D 175 -16.61 -18.47 10.02
N SER D 176 -16.02 -17.40 9.48
CA SER D 176 -14.74 -16.90 9.95
C SER D 176 -14.63 -15.41 9.63
N ILE D 177 -14.09 -14.65 10.58
CA ILE D 177 -13.88 -13.22 10.44
C ILE D 177 -12.45 -12.90 10.85
N SER D 178 -11.78 -12.08 10.04
CA SER D 178 -10.41 -11.65 10.27
C SER D 178 -10.46 -10.15 10.51
N SER D 179 -10.34 -9.75 11.78
CA SER D 179 -10.40 -8.34 12.14
C SER D 179 -9.23 -7.56 11.56
N TYR D 180 -8.00 -8.02 11.79
CA TYR D 180 -6.84 -7.28 11.31
C TYR D 180 -6.80 -7.22 9.80
N TYR D 181 -7.08 -8.34 9.13
CA TYR D 181 -7.25 -8.34 7.68
C TYR D 181 -8.61 -7.85 7.26
N GLY D 182 -9.61 -7.88 8.14
CA GLY D 182 -10.93 -7.41 7.79
C GLY D 182 -11.58 -8.21 6.67
N TYR D 183 -11.46 -9.53 6.71
CA TYR D 183 -12.07 -10.38 5.70
C TYR D 183 -13.11 -11.32 6.32
N THR D 184 -14.02 -11.78 5.48
CA THR D 184 -15.10 -12.67 5.88
C THR D 184 -15.03 -13.94 5.04
N TYR D 185 -15.25 -15.07 5.70
CA TYR D 185 -15.18 -16.37 5.04
C TYR D 185 -16.35 -17.24 5.49
N TYR D 186 -16.90 -17.98 4.55
CA TYR D 186 -18.10 -18.76 4.76
C TYR D 186 -17.98 -20.09 4.03
N ALA D 187 -18.79 -21.05 4.45
CA ALA D 187 -18.86 -22.32 3.73
C ALA D 187 -19.64 -22.14 2.44
N ASP D 188 -19.52 -23.13 1.55
CA ASP D 188 -20.22 -23.08 0.27
C ASP D 188 -21.72 -23.06 0.44
N SER D 189 -22.25 -23.90 1.34
CA SER D 189 -23.70 -24.00 1.50
C SER D 189 -24.30 -22.78 2.17
N VAL D 190 -23.47 -21.86 2.68
CA VAL D 190 -23.95 -20.74 3.46
C VAL D 190 -23.57 -19.40 2.84
N LYS D 191 -23.02 -19.39 1.63
CA LYS D 191 -22.59 -18.15 1.02
C LYS D 191 -23.75 -17.19 0.89
N GLY D 192 -23.62 -16.02 1.51
CA GLY D 192 -24.64 -15.00 1.49
C GLY D 192 -25.91 -15.36 2.23
N ARG D 193 -25.92 -16.46 2.96
CA ARG D 193 -27.09 -16.88 3.71
C ARG D 193 -27.08 -16.38 5.15
N PHE D 194 -25.91 -16.12 5.71
CA PHE D 194 -25.80 -15.62 7.08
C PHE D 194 -24.86 -14.43 7.12
N THR D 195 -25.07 -13.57 8.11
CA THR D 195 -24.24 -12.39 8.30
C THR D 195 -23.34 -12.62 9.50
N ILE D 196 -22.06 -12.36 9.32
CA ILE D 196 -21.08 -12.46 10.39
C ILE D 196 -20.54 -11.08 10.66
N SER D 197 -20.11 -10.83 11.90
CA SER D 197 -19.50 -9.56 12.24
C SER D 197 -18.84 -9.67 13.60
N ALA D 198 -18.19 -8.60 14.03
CA ALA D 198 -17.57 -8.56 15.34
C ALA D 198 -17.35 -7.12 15.76
N ASP D 199 -17.89 -6.76 16.91
CA ASP D 199 -17.58 -5.50 17.58
C ASP D 199 -16.19 -5.65 18.19
N THR D 200 -15.24 -4.89 17.65
CA THR D 200 -13.92 -4.84 18.23
C THR D 200 -13.95 -4.27 19.64
N SER D 201 -14.70 -3.20 19.84
CA SER D 201 -14.73 -2.55 21.15
C SER D 201 -15.27 -3.48 22.21
N LYS D 202 -16.44 -4.07 22.00
CA LYS D 202 -17.05 -4.97 22.96
C LYS D 202 -16.32 -6.31 22.97
N ASN D 203 -15.48 -6.56 21.97
CA ASN D 203 -14.71 -7.80 21.86
C ASN D 203 -15.66 -8.99 21.69
N THR D 204 -16.57 -8.87 20.73
CA THR D 204 -17.62 -9.86 20.58
C THR D 204 -17.88 -10.10 19.10
N ALA D 205 -18.28 -11.32 18.78
CA ALA D 205 -18.67 -11.70 17.43
C ALA D 205 -20.19 -11.84 17.34
N TYR D 206 -20.77 -11.13 16.38
CA TYR D 206 -22.20 -11.15 16.16
C TYR D 206 -22.52 -12.02 14.95
N LEU D 207 -23.71 -12.63 14.98
CA LEU D 207 -24.15 -13.57 13.95
C LEU D 207 -25.65 -13.43 13.71
N GLN D 208 -26.03 -13.38 12.44
CA GLN D 208 -27.44 -13.34 12.06
C GLN D 208 -27.72 -14.42 11.01
N MET D 209 -28.76 -15.21 11.25
CA MET D 209 -29.16 -16.28 10.35
C MET D 209 -30.36 -15.80 9.55
N ASN D 210 -30.12 -15.51 8.26
CA ASN D 210 -31.14 -15.08 7.34
C ASN D 210 -31.68 -16.29 6.58
N SER D 211 -33.01 -16.38 6.54
CA SER D 211 -33.70 -17.44 5.80
C SER D 211 -33.26 -18.83 6.29
N LEU D 212 -33.59 -19.13 7.54
CA LEU D 212 -33.25 -20.42 8.12
C LEU D 212 -34.08 -21.55 7.51
N ARG D 213 -33.49 -22.74 7.48
CA ARG D 213 -34.17 -23.95 7.03
C ARG D 213 -33.82 -25.12 7.93
N ALA D 214 -34.26 -26.31 7.52
CA ALA D 214 -34.08 -27.51 8.34
C ALA D 214 -32.61 -27.85 8.53
N GLU D 215 -31.79 -27.66 7.51
CA GLU D 215 -30.37 -28.01 7.59
C GLU D 215 -29.63 -27.19 8.64
N ASP D 216 -30.21 -26.07 9.10
CA ASP D 216 -29.55 -25.20 10.06
C ASP D 216 -29.66 -25.71 11.49
N THR D 217 -30.40 -26.79 11.73
CA THR D 217 -30.52 -27.34 13.07
C THR D 217 -29.20 -27.97 13.50
N ALA D 218 -28.56 -27.38 14.50
CA ALA D 218 -27.27 -27.88 14.99
C ALA D 218 -26.93 -27.14 16.28
N VAL D 219 -25.85 -27.58 16.92
CA VAL D 219 -25.33 -26.89 18.09
C VAL D 219 -24.09 -26.12 17.65
N TYR D 220 -24.09 -24.81 17.90
CA TYR D 220 -23.08 -23.93 17.33
C TYR D 220 -22.02 -23.62 18.38
N TYR D 221 -20.76 -23.63 17.97
CA TYR D 221 -19.62 -23.43 18.83
C TYR D 221 -18.75 -22.29 18.33
N CYS D 222 -18.14 -21.59 19.29
CA CYS D 222 -17.34 -20.39 19.08
C CYS D 222 -15.86 -20.75 19.17
N ALA D 223 -15.09 -20.39 18.16
CA ALA D 223 -13.67 -20.74 18.12
C ALA D 223 -12.84 -19.49 17.93
N ARG D 224 -11.80 -19.36 18.72
CA ARG D 224 -10.91 -18.22 18.64
C ARG D 224 -9.59 -18.64 18.01
N SER D 225 -9.21 -17.92 16.96
CA SER D 225 -7.94 -18.17 16.29
C SER D 225 -6.84 -17.49 17.07
N ARG D 226 -5.69 -17.38 16.43
CA ARG D 226 -4.54 -16.65 16.93
C ARG D 226 -3.80 -16.11 15.72
N GLN D 227 -4.04 -14.83 15.41
CA GLN D 227 -3.92 -14.31 14.05
C GLN D 227 -2.54 -14.43 13.44
N PHE D 228 -1.47 -14.13 14.18
CA PHE D 228 -0.20 -13.79 13.55
C PHE D 228 0.22 -14.83 12.50
N TRP D 229 0.04 -16.10 12.83
CA TRP D 229 -0.03 -17.15 11.81
C TRP D 229 -1.09 -18.17 12.20
N TYR D 230 -1.88 -18.56 11.22
CA TYR D 230 -3.00 -19.45 11.45
C TYR D 230 -2.50 -20.83 11.86
N SER D 231 -3.20 -21.41 12.84
CA SER D 231 -2.94 -22.79 13.25
C SER D 231 -4.24 -23.38 13.75
N GLY D 232 -4.13 -24.53 14.42
CA GLY D 232 -5.31 -25.15 14.99
C GLY D 232 -5.95 -24.29 16.04
N LEU D 233 -7.27 -24.37 16.12
CA LEU D 233 -8.02 -23.55 17.06
C LEU D 233 -7.70 -23.98 18.49
N ASP D 234 -7.40 -23.00 19.34
CA ASP D 234 -6.95 -23.28 20.69
C ASP D 234 -8.08 -23.37 21.70
N TYR D 235 -8.97 -22.39 21.76
CA TYR D 235 -9.98 -22.29 22.81
C TYR D 235 -11.35 -22.20 22.17
N TRP D 236 -12.34 -22.84 22.80
CA TRP D 236 -13.69 -22.93 22.28
C TRP D 236 -14.70 -22.49 23.33
N GLY D 237 -15.87 -22.09 22.84
CA GLY D 237 -17.00 -21.85 23.71
C GLY D 237 -17.91 -23.07 23.81
N GLN D 238 -18.67 -23.12 24.90
CA GLN D 238 -19.52 -24.28 25.17
C GLN D 238 -20.60 -24.47 24.10
N GLY D 239 -20.93 -23.43 23.36
CA GLY D 239 -21.90 -23.54 22.27
C GLY D 239 -23.33 -23.34 22.72
N THR D 240 -24.21 -23.16 21.74
CA THR D 240 -25.63 -22.99 21.99
C THR D 240 -26.42 -23.76 20.93
N LEU D 241 -27.49 -24.41 21.36
CA LEU D 241 -28.34 -25.16 20.45
C LEU D 241 -29.14 -24.22 19.56
N VAL D 242 -29.39 -24.65 18.33
CA VAL D 242 -30.21 -23.91 17.37
C VAL D 242 -31.06 -24.93 16.63
N THR D 243 -32.34 -24.98 16.97
CA THR D 243 -33.29 -25.89 16.35
C THR D 243 -34.27 -25.10 15.50
N VAL D 244 -34.12 -25.20 14.19
CA VAL D 244 -34.95 -24.50 13.23
C VAL D 244 -36.06 -25.48 12.84
N SER D 245 -37.25 -25.31 13.41
CA SER D 245 -38.37 -26.18 13.11
C SER D 245 -39.65 -25.41 13.30
N SER D 246 -40.70 -25.88 12.63
CA SER D 246 -42.03 -25.29 12.72
C SER D 246 -42.60 -25.34 14.15
N ALA D 247 -42.08 -26.23 14.99
CA ALA D 247 -42.51 -26.32 16.37
C ALA D 247 -42.18 -25.03 17.12
N ALA D 248 -43.08 -24.66 18.03
CA ALA D 248 -42.91 -23.44 18.83
C ALA D 248 -43.08 -23.74 20.31
#